data_8ZPB
#
_entry.id   8ZPB
#
_cell.length_a   1.00
_cell.length_b   1.00
_cell.length_c   1.00
_cell.angle_alpha   90.00
_cell.angle_beta   90.00
_cell.angle_gamma   90.00
#
_symmetry.space_group_name_H-M   'P 1'
#
loop_
_entity.id
_entity.type
_entity.pdbx_description
1 polymer 'Sodium-dependent noradrenaline transporter'
2 polymer Nb_BB4
3 non-polymer L-NOREPINEPHRINE
4 non-polymer 'SODIUM ION'
5 non-polymer 'CHLORIDE ION'
6 non-polymer PHOSPHATIDYLETHANOLAMINE
7 water water
#
loop_
_entity_poly.entity_id
_entity_poly.type
_entity_poly.pdbx_seq_one_letter_code
_entity_poly.pdbx_strand_id
1 'polypeptide(L)'
;APRDGDAQPRETWGKKIDFLLSVVGFAVDLANVWRFPYLCYKNGGGAFLIPYTLFLIIAGMPLFYMELALGQYNREGAAT
VWKICPFFKGVGYAVILIALYVGFYYNVIIAWSLYYLFSSFTLNLPWTDCGHTWNSPNCTDPKLLNGSVLGNHTKYSKYK
FTPAAEFYERGVLHLHESSGIHDIGLPQWQLLLCLMVVVIVLYFSLWKGVKTSGKVVWITATLPYFVLFVLLVHGVTLPG
ASNGINAYLHIDFYRLKEATVWIDAATQIFFSLGAGFGVLIAFASYNKFDNNCYRDALLTSSINCITSFVSGFAIFSILG
YMAHEHKVNIEDVATEGAGLVFILYPEAISTLSGSTFWAVVFFVMLLALGLDSSMGGMEAVITGLADDFQVLKRHRKLFT
FGVTFSTFLLALFCITKGGIYVLTLLDTFAAGTSILFAVLMEAIGVSWFYGVDRFSNDIQQMMGFRPGLYWRLCWKFVSP
AFLLFVVVVSIINFKPLTYDDYIFPPWANWVGWGIALSSMVLVPIYVIYKFLSTQGSLWERLAYGITPENEHHLVAQRDI
RQFQLQHWLAI
;
A
2 'polypeptide(L)'
;EVQLVESGGGLVQAGGSLRLSCAASGFPVYQANMYWYRQAPGKEREWVAAIQSEGRTIYADSVKGRFTISRDNSKNTVYL
QMNSLKPEDTAVYYCNVKDAGWASYQYDYWGQGTQVTVSS
;
B
#
# COMPACT_ATOMS: atom_id res chain seq x y z
N GLN A 8 8.30 -19.41 17.59
CA GLN A 8 9.18 -18.39 16.97
C GLN A 8 8.44 -17.05 16.91
N PRO A 9 8.87 -16.05 17.67
CA PRO A 9 8.18 -14.76 17.61
C PRO A 9 8.40 -14.07 16.27
N ARG A 10 7.45 -13.24 15.88
CA ARG A 10 7.56 -12.51 14.63
C ARG A 10 8.83 -11.69 14.61
N GLU A 11 9.56 -11.77 13.50
CA GLU A 11 10.79 -11.02 13.37
C GLU A 11 10.50 -9.56 13.07
N THR A 12 11.52 -8.73 13.30
CA THR A 12 11.43 -7.28 13.10
C THR A 12 12.41 -6.87 12.02
N TRP A 13 12.06 -5.83 11.26
CA TRP A 13 12.97 -5.30 10.26
C TRP A 13 14.35 -5.12 10.86
N GLY A 14 15.39 -5.46 10.08
CA GLY A 14 16.74 -5.26 10.55
C GLY A 14 17.08 -3.81 10.85
N LYS A 15 16.42 -2.87 10.18
CA LYS A 15 16.67 -1.45 10.36
C LYS A 15 15.37 -0.72 10.10
N LYS A 16 15.33 0.55 10.52
CA LYS A 16 14.24 1.43 10.10
C LYS A 16 14.35 1.76 8.62
N ILE A 17 15.57 1.81 8.09
CA ILE A 17 15.74 2.08 6.67
C ILE A 17 15.17 0.95 5.84
N ASP A 18 15.27 -0.29 6.32
CA ASP A 18 14.66 -1.40 5.59
C ASP A 18 13.16 -1.18 5.42
N PHE A 19 12.45 -0.91 6.51
CA PHE A 19 11.01 -0.67 6.44
C PHE A 19 10.70 0.54 5.58
N LEU A 20 11.42 1.64 5.79
CA LEU A 20 11.11 2.88 5.07
C LEU A 20 11.34 2.70 3.58
N LEU A 21 12.42 2.03 3.19
CA LEU A 21 12.70 1.80 1.79
C LEU A 21 11.70 0.84 1.17
N SER A 22 11.28 -0.19 1.90
CA SER A 22 10.23 -1.07 1.37
C SER A 22 8.94 -0.30 1.13
N VAL A 23 8.52 0.51 2.11
CA VAL A 23 7.28 1.25 1.99
C VAL A 23 7.36 2.27 0.87
N VAL A 24 8.50 2.96 0.74
CA VAL A 24 8.65 3.96 -0.31
C VAL A 24 8.74 3.30 -1.68
N GLY A 25 9.46 2.18 -1.79
CA GLY A 25 9.54 1.48 -3.05
C GLY A 25 8.21 0.97 -3.54
N PHE A 26 7.36 0.50 -2.60
CA PHE A 26 6.03 0.09 -2.99
C PHE A 26 5.16 1.29 -3.33
N ALA A 27 5.20 2.33 -2.51
CA ALA A 27 4.34 3.49 -2.73
C ALA A 27 4.70 4.21 -4.02
N VAL A 28 5.98 4.52 -4.21
CA VAL A 28 6.44 5.12 -5.45
C VAL A 28 6.66 3.98 -6.43
N ASP A 29 5.78 3.88 -7.42
CA ASP A 29 5.65 2.67 -8.22
C ASP A 29 5.51 3.09 -9.68
N LEU A 30 5.29 2.10 -10.55
CA LEU A 30 5.06 2.40 -11.96
C LEU A 30 3.84 3.29 -12.15
N ALA A 31 2.91 3.28 -11.20
CA ALA A 31 1.72 4.11 -11.32
C ALA A 31 2.09 5.58 -11.43
N ASN A 32 3.03 6.06 -10.61
CA ASN A 32 3.35 7.48 -10.60
C ASN A 32 3.79 8.00 -11.97
N VAL A 33 4.23 7.12 -12.87
CA VAL A 33 4.79 7.51 -14.19
C VAL A 33 3.86 7.07 -15.32
N TRP A 34 3.14 5.97 -15.15
CA TRP A 34 2.33 5.41 -16.26
C TRP A 34 0.88 5.80 -16.09
N ARG A 35 0.38 5.99 -14.87
CA ARG A 35 -1.04 6.18 -14.65
C ARG A 35 -1.40 7.62 -14.33
N PHE A 36 -0.53 8.33 -13.63
CA PHE A 36 -0.81 9.66 -13.12
C PHE A 36 -0.73 10.72 -14.23
N PRO A 37 0.38 10.79 -14.98
CA PRO A 37 0.44 11.76 -16.08
C PRO A 37 -0.62 11.53 -17.15
N TYR A 38 -0.95 10.28 -17.45
CA TYR A 38 -2.03 10.04 -18.41
C TYR A 38 -3.37 10.50 -17.86
N LEU A 39 -3.59 10.33 -16.55
CA LEU A 39 -4.82 10.83 -15.95
C LEU A 39 -4.86 12.34 -15.89
N CYS A 40 -3.70 13.00 -15.80
CA CYS A 40 -3.66 14.45 -15.87
C CYS A 40 -3.97 14.94 -17.28
N TYR A 41 -3.38 14.33 -18.30
CA TYR A 41 -3.75 14.69 -19.67
C TYR A 41 -5.22 14.40 -19.94
N LYS A 42 -5.68 13.22 -19.53
CA LYS A 42 -7.04 12.78 -19.82
C LYS A 42 -8.07 13.69 -19.18
N ASN A 43 -7.71 14.35 -18.08
CA ASN A 43 -8.64 15.16 -17.30
C ASN A 43 -8.27 16.63 -17.32
N GLY A 44 -7.70 17.09 -18.44
CA GLY A 44 -7.45 18.50 -18.65
C GLY A 44 -6.11 19.01 -18.17
N GLY A 45 -5.33 18.18 -17.47
CA GLY A 45 -4.04 18.61 -16.96
C GLY A 45 -4.09 18.98 -15.50
N GLY A 46 -4.08 20.28 -15.21
CA GLY A 46 -4.11 20.74 -13.84
C GLY A 46 -5.44 20.61 -13.14
N ALA A 47 -6.51 20.33 -13.89
CA ALA A 47 -7.81 20.08 -13.26
C ALA A 47 -7.78 18.77 -12.49
N PHE A 48 -7.00 17.79 -12.96
CA PHE A 48 -6.88 16.52 -12.25
C PHE A 48 -6.14 16.69 -10.93
N LEU A 49 -5.25 17.68 -10.84
CA LEU A 49 -4.39 17.82 -9.67
C LEU A 49 -5.18 18.26 -8.45
N ILE A 50 -6.28 18.98 -8.63
CA ILE A 50 -7.07 19.47 -7.51
C ILE A 50 -7.79 18.30 -6.84
N PRO A 51 -8.58 17.50 -7.57
CA PRO A 51 -9.15 16.29 -6.95
C PRO A 51 -8.08 15.36 -6.39
N TYR A 52 -6.95 15.21 -7.08
CA TYR A 52 -5.91 14.32 -6.63
C TYR A 52 -5.34 14.76 -5.28
N THR A 53 -5.03 16.05 -5.15
CA THR A 53 -4.49 16.56 -3.89
C THR A 53 -5.54 16.53 -2.79
N LEU A 54 -6.78 16.89 -3.12
CA LEU A 54 -7.85 16.85 -2.13
C LEU A 54 -8.03 15.44 -1.59
N PHE A 55 -8.13 14.46 -2.48
CA PHE A 55 -8.29 13.08 -2.05
C PHE A 55 -7.08 12.60 -1.26
N LEU A 56 -5.87 12.95 -1.71
CA LEU A 56 -4.70 12.67 -0.90
C LEU A 56 -4.93 13.15 0.53
N ILE A 57 -5.11 14.46 0.70
CA ILE A 57 -5.15 15.06 2.02
C ILE A 57 -6.23 14.39 2.88
N ILE A 58 -7.42 14.16 2.30
CA ILE A 58 -8.57 13.80 3.13
C ILE A 58 -8.79 12.30 3.27
N ALA A 59 -8.22 11.47 2.40
CA ALA A 59 -8.44 10.03 2.49
C ALA A 59 -7.14 9.23 2.43
N GLY A 60 -6.18 9.66 1.61
CA GLY A 60 -5.04 8.80 1.33
C GLY A 60 -3.96 8.88 2.39
N MET A 61 -3.60 10.10 2.80
CA MET A 61 -2.69 10.26 3.92
C MET A 61 -3.32 9.65 5.17
N PRO A 62 -4.57 10.00 5.49
CA PRO A 62 -5.20 9.39 6.67
C PRO A 62 -5.23 7.87 6.63
N LEU A 63 -5.53 7.28 5.48
CA LEU A 63 -5.65 5.82 5.45
C LEU A 63 -4.30 5.14 5.32
N PHE A 64 -3.31 5.81 4.70
CA PHE A 64 -1.94 5.34 4.79
C PHE A 64 -1.51 5.25 6.26
N TYR A 65 -1.74 6.31 7.02
CA TYR A 65 -1.40 6.32 8.44
C TYR A 65 -2.20 5.25 9.19
N MET A 66 -3.48 5.10 8.88
CA MET A 66 -4.29 4.08 9.56
C MET A 66 -3.77 2.69 9.29
N GLU A 67 -3.44 2.38 8.04
CA GLU A 67 -2.94 1.05 7.72
C GLU A 67 -1.61 0.78 8.39
N LEU A 68 -0.69 1.76 8.37
CA LEU A 68 0.59 1.57 9.04
C LEU A 68 0.41 1.35 10.53
N ALA A 69 -0.44 2.15 11.17
CA ALA A 69 -0.67 2.00 12.60
C ALA A 69 -1.34 0.67 12.92
N LEU A 70 -2.31 0.25 12.12
CA LEU A 70 -2.96 -1.04 12.34
C LEU A 70 -1.95 -2.17 12.26
N GLY A 71 -1.13 -2.19 11.20
CA GLY A 71 -0.13 -3.23 11.08
C GLY A 71 0.87 -3.21 12.23
N GLN A 72 1.35 -2.02 12.59
CA GLN A 72 2.37 -1.93 13.63
C GLN A 72 1.83 -2.35 14.99
N TYR A 73 0.61 -1.96 15.33
CA TYR A 73 0.05 -2.30 16.63
C TYR A 73 -0.38 -3.75 16.72
N ASN A 74 -1.07 -4.26 15.69
CA ASN A 74 -1.60 -5.62 15.75
C ASN A 74 -0.61 -6.64 15.24
N ARG A 75 0.42 -6.21 14.52
CA ARG A 75 1.52 -7.09 14.10
C ARG A 75 0.99 -8.30 13.34
N GLU A 76 0.08 -8.04 12.40
CA GLU A 76 -0.52 -9.09 11.60
C GLU A 76 -0.66 -8.59 10.17
N GLY A 77 -0.99 -9.52 9.26
CA GLY A 77 -1.27 -9.16 7.89
C GLY A 77 -2.70 -8.68 7.71
N ALA A 78 -2.99 -8.25 6.48
CA ALA A 78 -4.28 -7.62 6.21
C ALA A 78 -5.45 -8.51 6.60
N ALA A 79 -5.31 -9.82 6.46
CA ALA A 79 -6.41 -10.72 6.80
C ALA A 79 -6.56 -10.86 8.32
N THR A 80 -5.53 -11.34 8.99
CA THR A 80 -5.60 -11.60 10.42
C THR A 80 -5.56 -10.32 11.25
N VAL A 81 -5.28 -9.17 10.65
CA VAL A 81 -5.39 -7.92 11.39
C VAL A 81 -6.81 -7.70 11.87
N TRP A 82 -7.79 -8.34 11.22
CA TRP A 82 -9.19 -8.18 11.59
C TRP A 82 -9.60 -9.16 12.68
N LYS A 83 -8.77 -9.25 13.72
CA LYS A 83 -9.13 -9.85 14.98
C LYS A 83 -9.67 -8.82 15.96
N ILE A 84 -9.37 -7.54 15.71
CA ILE A 84 -9.95 -6.45 16.48
C ILE A 84 -11.43 -6.29 16.19
N CYS A 85 -11.85 -6.48 14.94
CA CYS A 85 -13.26 -6.52 14.57
C CYS A 85 -13.46 -7.74 13.68
N PRO A 86 -13.77 -8.90 14.28
CA PRO A 86 -13.77 -10.16 13.52
C PRO A 86 -14.67 -10.18 12.29
N PHE A 87 -15.74 -9.38 12.26
CA PHE A 87 -16.64 -9.37 11.12
C PHE A 87 -16.00 -8.80 9.87
N PHE A 88 -14.85 -8.14 9.97
CA PHE A 88 -14.27 -7.41 8.85
C PHE A 88 -13.05 -8.12 8.25
N LYS A 89 -12.89 -9.41 8.52
CA LYS A 89 -11.79 -10.16 7.89
C LYS A 89 -11.98 -10.30 6.39
N GLY A 90 -13.23 -10.21 5.91
CA GLY A 90 -13.47 -10.15 4.49
C GLY A 90 -12.82 -8.97 3.83
N VAL A 91 -12.61 -7.88 4.56
CA VAL A 91 -11.90 -6.73 4.02
C VAL A 91 -10.43 -7.08 3.77
N GLY A 92 -9.80 -7.78 4.70
CA GLY A 92 -8.43 -8.22 4.48
C GLY A 92 -8.33 -9.19 3.32
N TYR A 93 -9.28 -10.13 3.25
CA TYR A 93 -9.28 -11.04 2.10
C TYR A 93 -9.46 -10.28 0.80
N ALA A 94 -10.33 -9.27 0.78
CA ALA A 94 -10.57 -8.50 -0.42
C ALA A 94 -9.33 -7.72 -0.85
N VAL A 95 -8.61 -7.13 0.10
CA VAL A 95 -7.41 -6.40 -0.27
C VAL A 95 -6.33 -7.35 -0.76
N ILE A 96 -6.22 -8.54 -0.16
CA ILE A 96 -5.27 -9.53 -0.67
C ILE A 96 -5.63 -9.93 -2.10
N LEU A 97 -6.91 -10.15 -2.37
CA LEU A 97 -7.34 -10.50 -3.72
C LEU A 97 -7.07 -9.36 -4.70
N ILE A 98 -7.29 -8.12 -4.27
CA ILE A 98 -7.01 -6.98 -5.13
C ILE A 98 -5.52 -6.93 -5.45
N ALA A 99 -4.67 -7.18 -4.45
CA ALA A 99 -3.23 -7.20 -4.70
C ALA A 99 -2.86 -8.26 -5.71
N LEU A 100 -3.45 -9.46 -5.59
CA LEU A 100 -3.18 -10.51 -6.56
C LEU A 100 -3.64 -10.11 -7.96
N TYR A 101 -4.85 -9.57 -8.07
CA TYR A 101 -5.35 -9.10 -9.35
C TYR A 101 -4.41 -8.08 -9.96
N VAL A 102 -3.94 -7.13 -9.17
CA VAL A 102 -3.09 -6.07 -9.70
C VAL A 102 -1.75 -6.63 -10.13
N GLY A 103 -1.20 -7.58 -9.38
CA GLY A 103 0.03 -8.21 -9.79
C GLY A 103 -0.09 -9.04 -11.04
N PHE A 104 -1.30 -9.46 -11.40
CA PHE A 104 -1.48 -10.21 -12.64
C PHE A 104 -1.07 -9.40 -13.87
N TYR A 105 -1.14 -8.06 -13.81
CA TYR A 105 -0.78 -7.23 -14.95
C TYR A 105 0.35 -6.23 -14.66
N TYR A 106 0.57 -5.88 -13.40
CA TYR A 106 1.68 -5.01 -13.05
C TYR A 106 3.01 -5.62 -13.46
N ASN A 107 3.16 -6.93 -13.25
CA ASN A 107 4.36 -7.62 -13.65
C ASN A 107 4.49 -7.73 -15.16
N VAL A 108 3.38 -7.73 -15.89
CA VAL A 108 3.47 -7.65 -17.35
C VAL A 108 3.96 -6.27 -17.79
N ILE A 109 3.55 -5.21 -17.08
CA ILE A 109 4.11 -3.90 -17.38
C ILE A 109 5.62 -3.89 -17.08
N ILE A 110 6.04 -4.50 -15.98
CA ILE A 110 7.47 -4.64 -15.70
C ILE A 110 8.16 -5.43 -16.81
N ALA A 111 7.50 -6.46 -17.33
CA ALA A 111 8.05 -7.23 -18.43
C ALA A 111 8.20 -6.37 -19.68
N TRP A 112 7.24 -5.48 -19.93
CA TRP A 112 7.40 -4.52 -21.02
C TRP A 112 8.62 -3.65 -20.81
N SER A 113 8.81 -3.17 -19.58
CA SER A 113 9.98 -2.34 -19.28
C SER A 113 11.27 -3.12 -19.53
N LEU A 114 11.33 -4.38 -19.11
CA LEU A 114 12.50 -5.20 -19.34
C LEU A 114 12.73 -5.48 -20.82
N TYR A 115 11.67 -5.73 -21.58
CA TYR A 115 11.79 -5.91 -23.02
C TYR A 115 12.37 -4.66 -23.68
N TYR A 116 11.86 -3.49 -23.30
CA TYR A 116 12.36 -2.25 -23.85
C TYR A 116 13.80 -1.99 -23.44
N LEU A 117 14.17 -2.35 -22.21
CA LEU A 117 15.55 -2.20 -21.78
C LEU A 117 16.49 -3.08 -22.59
N PHE A 118 16.10 -4.34 -22.80
CA PHE A 118 16.92 -5.21 -23.63
C PHE A 118 16.99 -4.71 -25.07
N SER A 119 15.90 -4.12 -25.57
CA SER A 119 15.90 -3.51 -26.88
C SER A 119 16.73 -2.23 -26.94
N SER A 120 17.01 -1.62 -25.79
CA SER A 120 17.77 -0.37 -25.73
C SER A 120 19.28 -0.58 -25.81
N PHE A 121 19.76 -1.81 -25.76
CA PHE A 121 21.19 -2.10 -25.83
C PHE A 121 21.65 -2.09 -27.29
N THR A 122 21.39 -0.96 -27.95
CA THR A 122 21.72 -0.79 -29.35
C THR A 122 22.08 0.66 -29.60
N LEU A 123 22.90 0.89 -30.61
CA LEU A 123 23.16 2.26 -31.06
C LEU A 123 22.00 2.78 -31.89
N ASN A 124 21.28 1.91 -32.59
CA ASN A 124 20.09 2.26 -33.35
C ASN A 124 18.89 1.65 -32.64
N LEU A 125 18.14 2.48 -31.94
CA LEU A 125 16.98 1.99 -31.21
C LEU A 125 15.94 1.47 -32.19
N PRO A 126 15.28 0.34 -31.88
CA PRO A 126 14.32 -0.23 -32.84
C PRO A 126 13.11 0.66 -33.09
N TRP A 127 12.82 1.61 -32.20
CA TRP A 127 11.66 2.48 -32.35
C TRP A 127 11.98 3.80 -33.02
N THR A 128 13.22 3.99 -33.50
CA THR A 128 13.57 5.25 -34.13
C THR A 128 13.03 5.34 -35.56
N ASP A 129 13.05 4.24 -36.31
CA ASP A 129 12.71 4.25 -37.72
C ASP A 129 11.87 3.03 -38.06
N CYS A 130 11.32 3.05 -39.27
CA CYS A 130 10.60 1.92 -39.84
C CYS A 130 11.59 1.04 -40.61
N GLY A 131 11.06 0.11 -41.41
CA GLY A 131 11.91 -0.86 -42.08
C GLY A 131 12.21 -2.09 -41.26
N HIS A 132 11.40 -2.37 -40.25
CA HIS A 132 11.57 -3.51 -39.38
C HIS A 132 10.49 -4.55 -39.68
N THR A 133 10.73 -5.77 -39.25
CA THR A 133 9.79 -6.86 -39.54
C THR A 133 8.42 -6.59 -38.93
N TRP A 134 8.33 -5.76 -37.91
CA TRP A 134 7.07 -5.46 -37.23
C TRP A 134 6.38 -4.23 -37.80
N ASN A 135 6.98 -3.55 -38.78
CA ASN A 135 6.44 -2.31 -39.31
C ASN A 135 5.43 -2.59 -40.41
N SER A 136 4.29 -1.90 -40.38
CA SER A 136 3.26 -2.02 -41.44
C SER A 136 3.76 -1.27 -42.68
N PRO A 137 3.08 -1.34 -43.84
CA PRO A 137 3.49 -0.56 -45.01
C PRO A 137 3.06 0.91 -44.88
N ASN A 138 2.40 1.27 -43.78
CA ASN A 138 1.90 2.65 -43.53
C ASN A 138 2.83 3.40 -42.57
N CYS A 139 3.91 2.77 -42.09
CA CYS A 139 4.79 3.41 -41.12
C CYS A 139 5.42 4.67 -41.70
N THR A 140 5.36 5.76 -40.95
CA THR A 140 5.95 7.03 -41.37
C THR A 140 6.40 7.78 -40.13
N ASP A 141 7.49 8.53 -40.28
CA ASP A 141 7.97 9.38 -39.19
C ASP A 141 7.53 10.81 -39.47
N PRO A 142 6.55 11.36 -38.74
CA PRO A 142 6.06 12.71 -39.06
C PRO A 142 7.05 13.83 -38.79
N LYS A 143 8.13 13.57 -38.06
CA LYS A 143 9.11 14.59 -37.71
C LYS A 143 10.35 14.53 -38.59
N LEU A 144 10.32 13.76 -39.67
CA LEU A 144 11.45 13.68 -40.59
C LEU A 144 11.14 14.43 -41.88
N LYS A 158 -2.68 8.58 -37.60
CA LYS A 158 -1.41 9.11 -38.10
C LYS A 158 -0.29 8.85 -37.09
N TYR A 159 -0.57 9.08 -35.81
CA TYR A 159 0.40 8.81 -34.76
C TYR A 159 0.57 7.33 -34.48
N LYS A 160 -0.48 6.52 -34.69
CA LYS A 160 -0.36 5.08 -34.51
C LYS A 160 0.58 4.46 -35.54
N PHE A 161 0.84 5.14 -36.64
CA PHE A 161 1.70 4.62 -37.70
C PHE A 161 3.11 5.18 -37.62
N THR A 162 3.55 5.61 -36.44
CA THR A 162 4.90 6.09 -36.25
C THR A 162 5.83 4.96 -35.86
N PRO A 163 7.14 5.13 -36.03
CA PRO A 163 8.06 4.04 -35.66
C PRO A 163 7.92 3.60 -34.21
N ALA A 164 7.74 4.53 -33.27
CA ALA A 164 7.65 4.15 -31.87
C ALA A 164 6.32 3.49 -31.55
N ALA A 165 5.22 4.07 -32.03
CA ALA A 165 3.91 3.47 -31.80
C ALA A 165 3.84 2.10 -32.45
N GLU A 166 4.34 1.98 -33.68
CA GLU A 166 4.33 0.69 -34.35
C GLU A 166 5.22 -0.31 -33.63
N PHE A 167 6.38 0.12 -33.15
CA PHE A 167 7.22 -0.78 -32.36
C PHE A 167 6.44 -1.31 -31.16
N TYR A 168 5.90 -0.40 -30.34
CA TYR A 168 5.20 -0.83 -29.14
C TYR A 168 4.06 -1.79 -29.47
N GLU A 169 3.30 -1.49 -30.52
CA GLU A 169 2.05 -2.21 -30.74
C GLU A 169 2.25 -3.50 -31.53
N ARG A 170 3.32 -3.60 -32.32
CA ARG A 170 3.51 -4.73 -33.21
C ARG A 170 4.76 -5.55 -32.92
N GLY A 171 5.87 -4.93 -32.53
CA GLY A 171 7.08 -5.68 -32.26
C GLY A 171 7.19 -6.09 -30.82
N VAL A 172 6.37 -5.48 -29.95
CA VAL A 172 6.32 -5.81 -28.53
C VAL A 172 5.01 -6.48 -28.16
N LEU A 173 3.89 -5.78 -28.33
CA LEU A 173 2.59 -6.34 -27.98
C LEU A 173 2.12 -7.33 -29.03
N HIS A 174 2.46 -7.10 -30.30
CA HIS A 174 1.87 -7.83 -31.41
C HIS A 174 0.36 -7.68 -31.40
N LEU A 175 -0.11 -6.49 -31.01
CA LEU A 175 -1.54 -6.21 -30.93
C LEU A 175 -2.22 -6.26 -32.28
N HIS A 176 -1.48 -6.03 -33.36
CA HIS A 176 -2.05 -6.12 -34.71
C HIS A 176 -2.54 -7.52 -35.04
N GLU A 177 -2.12 -8.53 -34.29
CA GLU A 177 -2.56 -9.90 -34.50
C GLU A 177 -3.78 -10.26 -33.66
N SER A 178 -4.33 -9.30 -32.93
CA SER A 178 -5.52 -9.51 -32.12
C SER A 178 -6.62 -8.56 -32.59
N SER A 179 -7.81 -9.11 -32.81
CA SER A 179 -8.97 -8.30 -33.16
C SER A 179 -9.66 -7.70 -31.95
N GLY A 180 -9.48 -8.29 -30.78
CA GLY A 180 -10.14 -7.81 -29.59
C GLY A 180 -9.90 -8.75 -28.43
N ILE A 181 -10.65 -8.53 -27.34
CA ILE A 181 -10.54 -9.39 -26.17
C ILE A 181 -11.20 -10.74 -26.38
N HIS A 182 -12.02 -10.90 -27.42
CA HIS A 182 -12.52 -12.21 -27.80
C HIS A 182 -11.47 -13.05 -28.49
N ASP A 183 -10.47 -12.42 -29.12
CA ASP A 183 -9.39 -13.10 -29.84
C ASP A 183 -8.08 -12.52 -29.34
N ILE A 184 -7.55 -13.09 -28.25
CA ILE A 184 -6.33 -12.58 -27.65
C ILE A 184 -5.09 -13.33 -28.12
N GLY A 185 -5.25 -14.50 -28.72
CA GLY A 185 -4.10 -15.24 -29.21
C GLY A 185 -3.38 -15.97 -28.10
N LEU A 186 -2.16 -16.39 -28.42
CA LEU A 186 -1.32 -17.10 -27.47
C LEU A 186 -0.25 -16.18 -26.89
N PRO A 187 0.31 -16.54 -25.74
CA PRO A 187 1.32 -15.67 -25.12
C PRO A 187 2.50 -15.42 -26.05
N GLN A 188 3.00 -14.17 -26.01
CA GLN A 188 4.20 -13.83 -26.76
C GLN A 188 5.43 -14.39 -26.05
N TRP A 189 6.29 -15.08 -26.80
CA TRP A 189 7.39 -15.81 -26.17
C TRP A 189 8.50 -14.90 -25.68
N GLN A 190 8.76 -13.79 -26.36
CA GLN A 190 9.72 -12.81 -25.83
C GLN A 190 9.19 -12.16 -24.56
N LEU A 191 7.94 -11.71 -24.56
CA LEU A 191 7.30 -11.21 -23.35
C LEU A 191 7.18 -12.29 -22.29
N LEU A 192 6.97 -13.54 -22.71
CA LEU A 192 6.96 -14.65 -21.74
C LEU A 192 8.31 -14.79 -21.06
N LEU A 193 9.41 -14.68 -21.81
CA LEU A 193 10.73 -14.77 -21.21
C LEU A 193 10.99 -13.60 -20.27
N CYS A 194 10.59 -12.40 -20.67
CA CYS A 194 10.76 -11.24 -19.79
C CYS A 194 9.93 -11.39 -18.51
N LEU A 195 8.71 -11.90 -18.63
CA LEU A 195 7.88 -12.16 -17.46
C LEU A 195 8.51 -13.23 -16.58
N MET A 196 9.12 -14.25 -17.18
CA MET A 196 9.84 -15.25 -16.40
C MET A 196 10.95 -14.60 -15.60
N VAL A 197 11.72 -13.71 -16.23
CA VAL A 197 12.79 -13.02 -15.53
C VAL A 197 12.22 -12.22 -14.36
N VAL A 198 11.13 -11.49 -14.60
CA VAL A 198 10.53 -10.66 -13.56
C VAL A 198 10.08 -11.51 -12.38
N VAL A 199 9.40 -12.62 -12.66
CA VAL A 199 8.87 -13.45 -11.57
C VAL A 199 9.99 -14.17 -10.83
N ILE A 200 11.06 -14.56 -11.53
CA ILE A 200 12.20 -15.16 -10.85
C ILE A 200 12.85 -14.15 -9.91
N VAL A 201 13.01 -12.91 -10.37
CA VAL A 201 13.57 -11.87 -9.52
C VAL A 201 12.67 -11.66 -8.30
N LEU A 202 11.36 -11.61 -8.51
CA LEU A 202 10.44 -11.44 -7.39
C LEU A 202 10.55 -12.59 -6.40
N TYR A 203 10.59 -13.83 -6.90
CA TYR A 203 10.66 -14.99 -6.01
C TYR A 203 11.92 -14.93 -5.16
N PHE A 204 13.06 -14.66 -5.79
CA PHE A 204 14.31 -14.64 -5.03
C PHE A 204 14.50 -13.37 -4.23
N SER A 205 13.66 -12.37 -4.43
CA SER A 205 13.58 -11.22 -3.54
C SER A 205 12.56 -11.40 -2.42
N LEU A 206 11.74 -12.46 -2.49
CA LEU A 206 10.67 -12.65 -1.52
C LEU A 206 10.69 -13.99 -0.80
N TRP A 207 11.51 -14.95 -1.23
CA TRP A 207 11.36 -16.32 -0.75
C TRP A 207 11.92 -16.55 0.64
N LYS A 208 12.72 -15.63 1.18
CA LYS A 208 13.34 -15.81 2.47
C LYS A 208 12.84 -14.82 3.51
N GLY A 209 11.70 -14.18 3.28
CA GLY A 209 11.11 -13.25 4.23
C GLY A 209 11.23 -11.82 3.75
N VAL A 210 11.06 -10.90 4.71
CA VAL A 210 11.13 -9.48 4.40
C VAL A 210 12.56 -8.94 4.50
N LYS A 211 13.48 -9.70 5.09
CA LYS A 211 14.86 -9.23 5.21
C LYS A 211 15.50 -9.04 3.83
N THR A 212 15.35 -10.04 2.97
CA THR A 212 15.93 -9.97 1.62
C THR A 212 15.34 -8.81 0.84
N SER A 213 14.01 -8.63 0.93
CA SER A 213 13.38 -7.52 0.22
C SER A 213 13.81 -6.17 0.78
N GLY A 214 13.95 -6.06 2.11
CA GLY A 214 14.37 -4.82 2.71
C GLY A 214 15.79 -4.43 2.31
N LYS A 215 16.67 -5.41 2.15
CA LYS A 215 18.00 -5.12 1.62
C LYS A 215 17.99 -4.86 0.12
N VAL A 216 17.09 -5.52 -0.62
CA VAL A 216 17.05 -5.36 -2.07
C VAL A 216 16.56 -3.97 -2.46
N VAL A 217 15.63 -3.42 -1.68
CA VAL A 217 15.02 -2.13 -2.04
C VAL A 217 16.00 -0.97 -1.95
N TRP A 218 17.25 -1.22 -1.56
CA TRP A 218 18.19 -0.12 -1.37
C TRP A 218 18.53 0.59 -2.67
N ILE A 219 18.44 -0.12 -3.80
CA ILE A 219 18.75 0.46 -5.11
C ILE A 219 17.48 0.69 -5.92
N THR A 220 16.53 -0.25 -5.87
CA THR A 220 15.31 -0.11 -6.66
C THR A 220 14.46 1.06 -6.16
N ALA A 221 14.54 1.39 -4.88
CA ALA A 221 13.76 2.46 -4.30
C ALA A 221 14.48 3.81 -4.34
N THR A 222 15.69 3.85 -4.91
CA THR A 222 16.50 5.07 -4.90
C THR A 222 16.96 5.51 -6.29
N LEU A 223 17.29 4.56 -7.18
CA LEU A 223 17.69 4.92 -8.53
C LEU A 223 16.62 5.71 -9.28
N PRO A 224 15.34 5.34 -9.20
CA PRO A 224 14.32 6.07 -9.97
C PRO A 224 14.33 7.55 -9.70
N TYR A 225 14.68 7.97 -8.48
CA TYR A 225 14.66 9.39 -8.18
C TYR A 225 15.74 10.14 -8.95
N PHE A 226 16.96 9.60 -9.01
CA PHE A 226 17.99 10.24 -9.82
C PHE A 226 17.61 10.24 -11.29
N VAL A 227 17.11 9.10 -11.79
CA VAL A 227 16.75 9.04 -13.20
C VAL A 227 15.66 10.07 -13.52
N LEU A 228 14.65 10.15 -12.66
CA LEU A 228 13.55 11.07 -12.88
C LEU A 228 14.00 12.52 -12.76
N PHE A 229 14.93 12.81 -11.85
CA PHE A 229 15.46 14.16 -11.74
C PHE A 229 16.17 14.57 -13.02
N VAL A 230 17.03 13.70 -13.56
CA VAL A 230 17.71 14.03 -14.80
C VAL A 230 16.70 14.15 -15.94
N LEU A 231 15.70 13.28 -15.97
CA LEU A 231 14.68 13.35 -17.01
C LEU A 231 13.94 14.69 -16.97
N LEU A 232 13.53 15.12 -15.78
CA LEU A 232 12.85 16.40 -15.63
C LEU A 232 13.75 17.56 -16.04
N VAL A 233 15.00 17.56 -15.58
CA VAL A 233 15.90 18.67 -15.86
C VAL A 233 16.17 18.76 -17.36
N HIS A 234 16.29 17.63 -18.04
CA HIS A 234 16.50 17.67 -19.48
C HIS A 234 15.23 18.06 -20.22
N GLY A 235 14.08 17.54 -19.80
CA GLY A 235 12.84 17.79 -20.51
C GLY A 235 12.40 19.23 -20.44
N VAL A 236 12.60 19.89 -19.29
CA VAL A 236 12.22 21.29 -19.18
C VAL A 236 12.96 22.19 -20.16
N THR A 237 14.08 21.72 -20.71
CA THR A 237 14.85 22.49 -21.67
C THR A 237 14.55 22.16 -23.12
N LEU A 238 13.83 21.07 -23.37
CA LEU A 238 13.55 20.67 -24.75
C LEU A 238 12.64 21.69 -25.41
N PRO A 239 12.83 21.98 -26.69
CA PRO A 239 11.96 22.96 -27.36
C PRO A 239 10.50 22.49 -27.36
N GLY A 240 9.60 23.43 -27.11
CA GLY A 240 8.19 23.13 -27.01
C GLY A 240 7.76 22.56 -25.68
N ALA A 241 8.70 22.34 -24.75
CA ALA A 241 8.35 21.81 -23.45
C ALA A 241 7.48 22.80 -22.67
N SER A 242 7.61 24.09 -22.97
CA SER A 242 6.82 25.09 -22.28
C SER A 242 5.33 24.91 -22.54
N ASN A 243 4.96 24.55 -23.77
CA ASN A 243 3.56 24.31 -24.09
C ASN A 243 3.01 23.15 -23.27
N GLY A 244 3.79 22.07 -23.15
CA GLY A 244 3.35 20.94 -22.36
C GLY A 244 3.25 21.28 -20.88
N ILE A 245 4.19 22.07 -20.38
CA ILE A 245 4.12 22.50 -18.98
C ILE A 245 2.89 23.36 -18.75
N ASN A 246 2.57 24.24 -19.70
CA ASN A 246 1.39 25.08 -19.57
C ASN A 246 0.12 24.23 -19.58
N ALA A 247 0.05 23.24 -20.46
CA ALA A 247 -1.09 22.33 -20.46
C ALA A 247 -1.19 21.58 -19.15
N TYR A 248 -0.04 21.17 -18.61
CA TYR A 248 -0.01 20.46 -17.33
C TYR A 248 -0.56 21.33 -16.20
N LEU A 249 -0.14 22.59 -16.15
CA LEU A 249 -0.54 23.49 -15.08
C LEU A 249 -1.80 24.27 -15.40
N HIS A 250 -2.40 24.06 -16.56
CA HIS A 250 -3.67 24.70 -16.88
C HIS A 250 -4.80 23.95 -16.21
N ILE A 251 -5.65 24.68 -15.49
CA ILE A 251 -6.75 24.09 -14.72
C ILE A 251 -8.04 24.42 -15.46
N ASP A 252 -8.68 23.39 -16.00
CA ASP A 252 -10.02 23.51 -16.54
C ASP A 252 -11.02 23.24 -15.42
N PHE A 253 -11.63 24.30 -14.89
CA PHE A 253 -12.50 24.15 -13.73
C PHE A 253 -13.84 23.51 -14.07
N TYR A 254 -14.28 23.61 -15.32
CA TYR A 254 -15.53 22.94 -15.70
C TYR A 254 -15.39 21.43 -15.72
N ARG A 255 -14.16 20.90 -15.79
CA ARG A 255 -13.95 19.46 -15.72
C ARG A 255 -14.18 18.92 -14.31
N LEU A 256 -14.09 19.77 -13.29
CA LEU A 256 -14.38 19.35 -11.93
C LEU A 256 -15.86 19.09 -11.69
N LYS A 257 -16.73 19.55 -12.58
CA LYS A 257 -18.15 19.22 -12.48
C LYS A 257 -18.45 17.82 -13.00
N GLU A 258 -17.49 17.16 -13.65
CA GLU A 258 -17.66 15.79 -14.09
C GLU A 258 -17.16 14.84 -13.02
N ALA A 259 -17.86 13.72 -12.85
CA ALA A 259 -17.48 12.74 -11.84
C ALA A 259 -16.26 11.92 -12.26
N THR A 260 -15.94 11.89 -13.56
CA THR A 260 -14.84 11.08 -14.04
C THR A 260 -13.52 11.52 -13.42
N VAL A 261 -13.29 12.83 -13.34
CA VAL A 261 -12.03 13.32 -12.79
C VAL A 261 -11.89 12.92 -11.33
N TRP A 262 -12.97 13.02 -10.55
CA TRP A 262 -12.93 12.68 -9.13
C TRP A 262 -12.73 11.18 -8.92
N ILE A 263 -13.43 10.36 -9.71
CA ILE A 263 -13.25 8.91 -9.62
C ILE A 263 -11.81 8.55 -9.95
N ASP A 264 -11.28 9.14 -11.02
CA ASP A 264 -9.91 8.87 -11.42
C ASP A 264 -8.92 9.31 -10.35
N ALA A 265 -9.14 10.47 -9.76
CA ALA A 265 -8.22 10.96 -8.73
C ALA A 265 -8.22 10.07 -7.51
N ALA A 266 -9.40 9.67 -7.03
CA ALA A 266 -9.47 8.80 -5.86
C ALA A 266 -8.83 7.44 -6.14
N THR A 267 -9.18 6.85 -7.29
CA THR A 267 -8.61 5.56 -7.65
C THR A 267 -7.10 5.64 -7.80
N GLN A 268 -6.59 6.71 -8.42
CA GLN A 268 -5.15 6.86 -8.56
C GLN A 268 -4.49 7.04 -7.20
N ILE A 269 -5.09 7.82 -6.31
CA ILE A 269 -4.52 8.01 -4.99
C ILE A 269 -4.36 6.66 -4.29
N PHE A 270 -5.41 5.85 -4.29
CA PHE A 270 -5.33 4.62 -3.52
C PHE A 270 -4.58 3.51 -4.25
N PHE A 271 -4.49 3.60 -5.58
CA PHE A 271 -3.69 2.63 -6.33
C PHE A 271 -2.21 2.93 -6.21
N SER A 272 -1.85 4.21 -6.17
CA SER A 272 -0.46 4.63 -6.21
C SER A 272 0.15 4.65 -4.81
N LEU A 273 -0.57 5.22 -3.84
CA LEU A 273 -0.04 5.23 -2.48
C LEU A 273 0.15 3.82 -1.94
N GLY A 274 -0.74 2.90 -2.30
CA GLY A 274 -0.66 1.53 -1.87
C GLY A 274 -1.65 1.14 -0.80
N ALA A 275 -2.52 2.06 -0.37
CA ALA A 275 -3.57 1.71 0.56
C ALA A 275 -4.64 0.88 -0.14
N GLY A 276 -5.18 -0.10 0.55
CA GLY A 276 -6.15 -1.01 -0.02
C GLY A 276 -5.57 -2.26 -0.64
N PHE A 277 -4.28 -2.52 -0.44
CA PHE A 277 -3.64 -3.73 -0.92
C PHE A 277 -3.19 -4.68 0.17
N GLY A 278 -3.20 -4.25 1.43
CA GLY A 278 -2.64 -5.03 2.52
C GLY A 278 -1.14 -4.96 2.62
N VAL A 279 -0.48 -4.19 1.76
CA VAL A 279 0.97 -4.10 1.78
C VAL A 279 1.46 -3.27 2.95
N LEU A 280 0.81 -2.15 3.22
CA LEU A 280 1.22 -1.31 4.34
C LEU A 280 1.04 -2.03 5.67
N ILE A 281 -0.08 -2.73 5.83
CA ILE A 281 -0.31 -3.48 7.06
C ILE A 281 0.76 -4.56 7.23
N ALA A 282 1.05 -5.30 6.15
CA ALA A 282 2.05 -6.35 6.24
C ALA A 282 3.43 -5.79 6.55
N PHE A 283 3.79 -4.66 5.95
CA PHE A 283 5.09 -4.07 6.18
C PHE A 283 5.22 -3.57 7.62
N ALA A 284 4.19 -2.86 8.11
CA ALA A 284 4.23 -2.38 9.48
C ALA A 284 4.12 -3.49 10.51
N SER A 285 3.62 -4.66 10.10
CA SER A 285 3.52 -5.79 11.02
C SER A 285 4.89 -6.29 11.47
N TYR A 286 5.95 -5.92 10.77
CA TYR A 286 7.31 -6.29 11.13
C TYR A 286 8.07 -5.14 11.80
N ASN A 287 7.36 -4.11 12.21
CA ASN A 287 7.97 -2.96 12.86
C ASN A 287 8.15 -3.21 14.35
N LYS A 288 9.14 -2.53 14.92
CA LYS A 288 9.22 -2.46 16.37
C LYS A 288 8.07 -1.58 16.88
N PHE A 289 7.61 -1.88 18.09
CA PHE A 289 6.36 -1.30 18.57
C PHE A 289 6.40 0.23 18.59
N ASP A 290 7.55 0.81 18.94
CA ASP A 290 7.64 2.25 19.12
C ASP A 290 8.01 3.01 17.86
N ASN A 291 8.06 2.33 16.72
CA ASN A 291 8.34 3.00 15.46
C ASN A 291 7.29 4.08 15.19
N ASN A 292 7.75 5.23 14.71
CA ASN A 292 6.88 6.37 14.40
C ASN A 292 6.33 6.20 12.99
N CYS A 293 5.23 5.47 12.87
CA CYS A 293 4.61 5.27 11.57
C CYS A 293 3.81 6.49 11.12
N TYR A 294 3.53 7.43 12.02
CA TYR A 294 2.90 8.68 11.62
C TYR A 294 3.79 9.45 10.66
N ARG A 295 5.04 9.68 11.06
CA ARG A 295 5.98 10.37 10.18
C ARG A 295 6.32 9.53 8.97
N ASP A 296 6.34 8.20 9.12
CA ASP A 296 6.56 7.33 7.96
C ASP A 296 5.47 7.52 6.93
N ALA A 297 4.21 7.55 7.37
CA ALA A 297 3.10 7.75 6.45
C ALA A 297 3.17 9.13 5.82
N LEU A 298 3.44 10.17 6.61
CA LEU A 298 3.57 11.50 6.05
C LEU A 298 4.66 11.55 4.99
N LEU A 299 5.83 10.99 5.29
CA LEU A 299 6.95 11.04 4.37
C LEU A 299 6.64 10.25 3.10
N THR A 300 6.08 9.05 3.24
CA THR A 300 5.80 8.25 2.06
C THR A 300 4.75 8.91 1.17
N SER A 301 3.70 9.47 1.78
CA SER A 301 2.68 10.16 0.99
C SER A 301 3.27 11.37 0.27
N SER A 302 4.07 12.16 0.98
CA SER A 302 4.68 13.33 0.36
C SER A 302 5.60 12.93 -0.79
N ILE A 303 6.40 11.88 -0.59
CA ILE A 303 7.30 11.44 -1.65
C ILE A 303 6.52 10.92 -2.84
N ASN A 304 5.46 10.16 -2.59
CA ASN A 304 4.65 9.64 -3.68
C ASN A 304 4.03 10.78 -4.49
N CYS A 305 3.49 11.79 -3.80
CA CYS A 305 2.87 12.91 -4.50
C CYS A 305 3.88 13.75 -5.26
N ILE A 306 5.05 14.02 -4.67
CA ILE A 306 6.06 14.79 -5.37
C ILE A 306 6.60 14.00 -6.57
N THR A 307 6.75 12.68 -6.43
CA THR A 307 7.16 11.86 -7.56
C THR A 307 6.12 11.90 -8.67
N SER A 308 4.84 11.80 -8.32
CA SER A 308 3.80 11.89 -9.33
C SER A 308 3.83 13.25 -10.03
N PHE A 309 3.98 14.32 -9.26
CA PHE A 309 4.00 15.66 -9.85
C PHE A 309 5.21 15.85 -10.76
N VAL A 310 6.38 15.39 -10.34
CA VAL A 310 7.59 15.55 -11.16
C VAL A 310 7.52 14.67 -12.40
N SER A 311 7.00 13.45 -12.28
CA SER A 311 6.84 12.59 -13.44
C SER A 311 5.84 13.19 -14.42
N GLY A 312 4.77 13.79 -13.92
CA GLY A 312 3.84 14.48 -14.79
C GLY A 312 4.47 15.68 -15.47
N PHE A 313 5.30 16.43 -14.74
CA PHE A 313 6.04 17.53 -15.36
C PHE A 313 6.90 17.03 -16.50
N ALA A 314 7.67 15.95 -16.27
CA ALA A 314 8.53 15.43 -17.32
C ALA A 314 7.72 14.90 -18.50
N ILE A 315 6.64 14.17 -18.21
CA ILE A 315 5.83 13.59 -19.27
C ILE A 315 5.18 14.68 -20.12
N PHE A 316 4.71 15.75 -19.48
CA PHE A 316 4.08 16.82 -20.24
C PHE A 316 5.09 17.68 -20.97
N SER A 317 6.29 17.85 -20.42
CA SER A 317 7.34 18.51 -21.18
C SER A 317 7.70 17.71 -22.43
N ILE A 318 7.76 16.38 -22.31
CA ILE A 318 7.98 15.55 -23.49
C ILE A 318 6.79 15.61 -24.44
N LEU A 319 5.57 15.70 -23.92
CA LEU A 319 4.40 15.85 -24.79
C LEU A 319 4.50 17.14 -25.61
N GLY A 320 4.83 18.25 -24.96
CA GLY A 320 5.04 19.49 -25.68
C GLY A 320 6.18 19.40 -26.68
N TYR A 321 7.27 18.75 -26.30
CA TYR A 321 8.40 18.58 -27.21
C TYR A 321 7.99 17.80 -28.45
N MET A 322 7.25 16.71 -28.28
CA MET A 322 6.85 15.90 -29.43
C MET A 322 5.77 16.59 -30.25
N ALA A 323 4.90 17.38 -29.62
CA ALA A 323 3.94 18.17 -30.37
C ALA A 323 4.65 19.24 -31.21
N HIS A 324 5.76 19.78 -30.68
CA HIS A 324 6.56 20.73 -31.45
C HIS A 324 7.29 20.03 -32.59
N GLU A 325 7.87 18.86 -32.34
CA GLU A 325 8.59 18.15 -33.39
C GLU A 325 7.65 17.71 -34.50
N HIS A 326 6.46 17.22 -34.15
CA HIS A 326 5.48 16.81 -35.14
C HIS A 326 4.71 17.98 -35.74
N LYS A 327 4.94 19.20 -35.26
CA LYS A 327 4.19 20.37 -35.72
C LYS A 327 2.70 20.13 -35.56
N VAL A 328 2.34 19.51 -34.44
CA VAL A 328 0.97 19.12 -34.15
C VAL A 328 0.64 19.59 -32.74
N ASN A 329 -0.60 19.40 -32.32
CA ASN A 329 -1.04 19.77 -30.98
C ASN A 329 -0.76 18.65 -29.99
N ILE A 330 -0.66 19.03 -28.71
CA ILE A 330 -0.35 18.07 -27.66
C ILE A 330 -1.39 16.97 -27.58
N GLU A 331 -2.64 17.25 -27.96
CA GLU A 331 -3.69 16.25 -27.90
C GLU A 331 -3.68 15.31 -29.10
N ASP A 332 -2.82 15.55 -30.09
CA ASP A 332 -2.63 14.61 -31.19
C ASP A 332 -1.43 13.69 -31.00
N VAL A 333 -0.67 13.85 -29.91
CA VAL A 333 0.45 12.97 -29.63
C VAL A 333 0.21 12.07 -28.43
N ALA A 334 -0.63 12.50 -27.48
CA ALA A 334 -0.89 11.68 -26.30
C ALA A 334 -1.64 10.41 -26.71
N THR A 335 -1.30 9.30 -26.06
CA THR A 335 -1.91 8.01 -26.33
C THR A 335 -2.41 7.38 -25.03
N GLU A 336 -3.53 6.68 -25.14
CA GLU A 336 -4.15 6.04 -23.98
C GLU A 336 -3.31 4.86 -23.51
N GLY A 337 -3.39 4.58 -22.21
CA GLY A 337 -2.72 3.42 -21.66
C GLY A 337 -1.29 3.75 -21.32
N ALA A 338 -0.40 2.81 -21.63
CA ALA A 338 1.04 2.97 -21.42
C ALA A 338 1.71 3.60 -22.64
N GLY A 339 0.91 4.25 -23.50
CA GLY A 339 1.45 4.97 -24.62
C GLY A 339 2.40 6.08 -24.25
N LEU A 340 2.07 6.89 -23.25
CA LEU A 340 2.96 7.98 -22.87
C LEU A 340 4.32 7.47 -22.37
N VAL A 341 4.40 6.22 -21.96
CA VAL A 341 5.63 5.67 -21.39
C VAL A 341 6.41 4.89 -22.44
N PHE A 342 5.70 4.22 -23.36
CA PHE A 342 6.33 3.29 -24.29
C PHE A 342 6.27 3.71 -25.75
N ILE A 343 5.71 4.88 -26.06
CA ILE A 343 5.67 5.38 -27.43
C ILE A 343 6.23 6.79 -27.42
N LEU A 344 5.67 7.63 -26.55
CA LEU A 344 6.05 9.04 -26.54
C LEU A 344 7.46 9.22 -26.02
N TYR A 345 7.74 8.74 -24.81
CA TYR A 345 9.08 8.94 -24.25
C TYR A 345 10.14 8.24 -25.08
N PRO A 346 9.97 6.98 -25.50
CA PRO A 346 10.97 6.39 -26.40
C PRO A 346 11.20 7.19 -27.67
N GLU A 347 10.15 7.76 -28.25
CA GLU A 347 10.31 8.58 -29.45
C GLU A 347 11.15 9.81 -29.16
N ALA A 348 10.82 10.55 -28.09
CA ALA A 348 11.61 11.71 -27.72
C ALA A 348 13.06 11.32 -27.49
N ILE A 349 13.29 10.22 -26.76
CA ILE A 349 14.65 9.75 -26.53
C ILE A 349 15.36 9.51 -27.85
N SER A 350 14.71 8.79 -28.77
CA SER A 350 15.32 8.53 -30.07
C SER A 350 15.67 9.82 -30.79
N THR A 351 14.94 10.90 -30.52
CA THR A 351 15.25 12.20 -31.11
C THR A 351 16.43 12.90 -30.45
N LEU A 352 16.97 12.34 -29.36
CA LEU A 352 18.04 12.99 -28.60
C LEU A 352 19.41 12.48 -29.03
N SER A 353 20.44 13.14 -28.52
CA SER A 353 21.82 12.71 -28.69
C SER A 353 22.19 11.80 -27.52
N GLY A 354 22.92 10.74 -27.81
CA GLY A 354 23.13 9.70 -26.82
C GLY A 354 21.86 8.98 -26.45
N SER A 355 21.00 8.72 -27.44
CA SER A 355 19.67 8.19 -27.16
C SER A 355 19.75 6.81 -26.50
N THR A 356 20.81 6.06 -26.76
CA THR A 356 20.94 4.74 -26.13
C THR A 356 21.02 4.86 -24.62
N PHE A 357 21.82 5.81 -24.13
CA PHE A 357 21.95 6.00 -22.69
C PHE A 357 20.63 6.47 -22.09
N TRP A 358 19.93 7.38 -22.76
CA TRP A 358 18.65 7.85 -22.27
C TRP A 358 17.65 6.70 -22.18
N ALA A 359 17.58 5.86 -23.21
CA ALA A 359 16.66 4.73 -23.18
C ALA A 359 17.03 3.76 -22.05
N VAL A 360 18.32 3.47 -21.91
CA VAL A 360 18.75 2.53 -20.89
C VAL A 360 18.38 3.04 -19.50
N VAL A 361 18.65 4.31 -19.22
CA VAL A 361 18.33 4.84 -17.90
C VAL A 361 16.82 4.93 -17.70
N PHE A 362 16.07 5.31 -18.73
CA PHE A 362 14.62 5.40 -18.59
C PHE A 362 14.01 4.05 -18.24
N PHE A 363 14.44 2.99 -18.93
CA PHE A 363 13.84 1.69 -18.70
C PHE A 363 14.42 0.98 -17.47
N VAL A 364 15.65 1.29 -17.08
CA VAL A 364 16.13 0.86 -15.77
C VAL A 364 15.32 1.52 -14.66
N MET A 365 15.00 2.80 -14.81
CA MET A 365 14.14 3.47 -13.84
C MET A 365 12.76 2.83 -13.79
N LEU A 366 12.20 2.51 -14.96
CA LEU A 366 10.89 1.86 -14.97
C LEU A 366 10.94 0.51 -14.25
N LEU A 367 11.99 -0.27 -14.52
CA LEU A 367 12.13 -1.56 -13.86
C LEU A 367 12.28 -1.39 -12.35
N ALA A 368 13.08 -0.42 -11.92
CA ALA A 368 13.26 -0.19 -10.49
C ALA A 368 11.96 0.25 -9.83
N LEU A 369 11.19 1.10 -10.52
CA LEU A 369 9.90 1.53 -9.99
C LEU A 369 8.95 0.36 -9.84
N GLY A 370 8.91 -0.52 -10.85
CA GLY A 370 7.95 -1.61 -10.82
C GLY A 370 8.32 -2.78 -9.93
N LEU A 371 9.62 -3.05 -9.78
CA LEU A 371 10.04 -4.29 -9.12
C LEU A 371 9.74 -4.26 -7.62
N ASP A 372 10.08 -3.16 -6.95
CA ASP A 372 9.81 -3.07 -5.53
C ASP A 372 8.32 -3.00 -5.22
N SER A 373 7.53 -2.41 -6.11
CA SER A 373 6.08 -2.40 -5.93
C SER A 373 5.47 -3.78 -6.13
N SER A 374 5.96 -4.54 -7.12
CA SER A 374 5.53 -5.93 -7.25
C SER A 374 5.94 -6.75 -6.03
N MET A 375 7.15 -6.51 -5.51
CA MET A 375 7.58 -7.21 -4.30
C MET A 375 6.65 -6.90 -3.13
N GLY A 376 6.30 -5.62 -2.95
CA GLY A 376 5.37 -5.28 -1.88
C GLY A 376 4.00 -5.88 -2.07
N GLY A 377 3.49 -5.85 -3.31
CA GLY A 377 2.18 -6.41 -3.57
C GLY A 377 2.12 -7.90 -3.34
N MET A 378 3.20 -8.61 -3.65
CA MET A 378 3.27 -10.05 -3.39
C MET A 378 3.52 -10.34 -1.91
N GLU A 379 4.26 -9.48 -1.23
CA GLU A 379 4.45 -9.63 0.20
C GLU A 379 3.13 -9.44 0.95
N ALA A 380 2.27 -8.55 0.47
CA ALA A 380 0.95 -8.45 1.08
C ALA A 380 0.25 -9.79 1.10
N VAL A 381 0.18 -10.45 -0.05
CA VAL A 381 -0.49 -11.75 -0.14
C VAL A 381 0.21 -12.77 0.75
N ILE A 382 1.54 -12.86 0.64
CA ILE A 382 2.27 -13.88 1.38
C ILE A 382 2.11 -13.69 2.87
N THR A 383 2.34 -12.47 3.36
CA THR A 383 2.22 -12.19 4.79
C THR A 383 0.80 -12.42 5.28
N GLY A 384 -0.20 -11.89 4.57
CA GLY A 384 -1.56 -12.03 5.03
C GLY A 384 -2.00 -13.48 5.12
N LEU A 385 -1.72 -14.26 4.07
CA LEU A 385 -2.17 -15.64 4.05
C LEU A 385 -1.33 -16.55 4.94
N ALA A 386 -0.07 -16.19 5.19
CA ALA A 386 0.75 -16.95 6.13
C ALA A 386 0.35 -16.66 7.57
N ASP A 387 -0.05 -15.43 7.88
CA ASP A 387 -0.63 -15.16 9.18
C ASP A 387 -1.97 -15.84 9.35
N ASP A 388 -2.75 -15.92 8.26
CA ASP A 388 -4.04 -16.60 8.32
C ASP A 388 -3.86 -18.11 8.50
N PHE A 389 -2.94 -18.71 7.75
CA PHE A 389 -2.61 -20.12 7.86
C PHE A 389 -1.15 -20.26 8.26
N GLN A 390 -0.90 -20.90 9.40
CA GLN A 390 0.48 -21.01 9.88
C GLN A 390 1.27 -22.07 9.12
N VAL A 391 0.57 -23.02 8.48
CA VAL A 391 1.27 -23.96 7.60
C VAL A 391 2.00 -23.21 6.51
N LEU A 392 1.35 -22.21 5.93
CA LEU A 392 2.01 -21.35 4.95
C LEU A 392 3.13 -20.55 5.59
N LYS A 393 2.99 -20.20 6.87
CA LYS A 393 4.05 -19.46 7.56
C LYS A 393 5.32 -20.30 7.66
N ARG A 394 5.18 -21.58 8.00
CA ARG A 394 6.35 -22.44 8.10
C ARG A 394 7.02 -22.63 6.74
N HIS A 395 6.22 -22.85 5.70
CA HIS A 395 6.74 -23.12 4.35
C HIS A 395 6.73 -21.83 3.53
N ARG A 396 7.67 -20.94 3.89
CA ARG A 396 7.73 -19.64 3.22
C ARG A 396 8.18 -19.78 1.77
N LYS A 397 9.20 -20.61 1.51
CA LYS A 397 9.72 -20.72 0.16
C LYS A 397 8.67 -21.33 -0.78
N LEU A 398 8.02 -22.41 -0.32
CA LEU A 398 7.00 -23.05 -1.16
C LEU A 398 5.82 -22.14 -1.40
N PHE A 399 5.38 -21.41 -0.37
CA PHE A 399 4.23 -20.52 -0.53
C PHE A 399 4.58 -19.34 -1.43
N THR A 400 5.79 -18.81 -1.29
CA THR A 400 6.24 -17.74 -2.18
C THR A 400 6.28 -18.25 -3.62
N PHE A 401 6.77 -19.47 -3.83
CA PHE A 401 6.76 -20.05 -5.17
C PHE A 401 5.34 -20.17 -5.69
N GLY A 402 4.41 -20.61 -4.85
CA GLY A 402 3.03 -20.73 -5.27
C GLY A 402 2.45 -19.40 -5.71
N VAL A 403 2.68 -18.36 -4.93
CA VAL A 403 2.16 -17.03 -5.26
C VAL A 403 2.78 -16.53 -6.56
N THR A 404 4.10 -16.64 -6.68
CA THR A 404 4.79 -16.14 -7.88
C THR A 404 4.34 -16.91 -9.12
N PHE A 405 4.20 -18.23 -9.00
CA PHE A 405 3.81 -19.04 -10.14
C PHE A 405 2.37 -18.78 -10.54
N SER A 406 1.48 -18.59 -9.57
CA SER A 406 0.11 -18.22 -9.91
C SER A 406 0.06 -16.88 -10.61
N THR A 407 0.84 -15.91 -10.12
CA THR A 407 0.90 -14.61 -10.78
C THR A 407 1.42 -14.75 -12.20
N PHE A 408 2.44 -15.57 -12.40
CA PHE A 408 2.97 -15.79 -13.75
C PHE A 408 1.93 -16.41 -14.66
N LEU A 409 1.25 -17.45 -14.19
CA LEU A 409 0.29 -18.16 -15.01
C LEU A 409 -0.88 -17.26 -15.40
N LEU A 410 -1.37 -16.45 -14.45
CA LEU A 410 -2.50 -15.58 -14.73
C LEU A 410 -2.09 -14.26 -15.37
N ALA A 411 -0.79 -13.95 -15.41
CA ALA A 411 -0.28 -12.85 -16.20
C ALA A 411 0.05 -13.26 -17.62
N LEU A 412 0.12 -14.58 -17.89
CA LEU A 412 0.23 -15.03 -19.27
C LEU A 412 -0.90 -14.48 -20.14
N PHE A 413 -2.05 -14.20 -19.54
CA PHE A 413 -3.17 -13.64 -20.31
C PHE A 413 -2.86 -12.25 -20.84
N CYS A 414 -2.04 -11.48 -20.13
CA CYS A 414 -1.73 -10.11 -20.51
C CYS A 414 -0.52 -10.00 -21.43
N ILE A 415 0.18 -11.10 -21.72
CA ILE A 415 1.26 -11.11 -22.70
C ILE A 415 0.84 -11.81 -23.98
N THR A 416 -0.43 -12.16 -24.11
CA THR A 416 -0.96 -12.67 -25.37
C THR A 416 -0.99 -11.56 -26.41
N LYS A 417 -1.40 -11.90 -27.63
CA LYS A 417 -1.51 -10.89 -28.68
C LYS A 417 -2.51 -9.82 -28.31
N GLY A 418 -3.64 -10.20 -27.74
CA GLY A 418 -4.62 -9.26 -27.25
C GLY A 418 -4.49 -9.06 -25.75
N GLY A 419 -3.27 -9.19 -25.24
CA GLY A 419 -3.02 -9.01 -23.83
C GLY A 419 -3.18 -7.60 -23.34
N ILE A 420 -3.08 -6.61 -24.23
CA ILE A 420 -3.35 -5.23 -23.84
C ILE A 420 -4.81 -5.05 -23.44
N TYR A 421 -5.73 -5.76 -24.08
CA TYR A 421 -7.14 -5.67 -23.70
C TYR A 421 -7.39 -6.26 -22.32
N VAL A 422 -6.78 -7.41 -22.03
CA VAL A 422 -6.88 -7.99 -20.70
C VAL A 422 -6.24 -7.06 -19.67
N LEU A 423 -5.10 -6.47 -20.02
CA LEU A 423 -4.45 -5.52 -19.10
C LEU A 423 -5.32 -4.30 -18.86
N THR A 424 -6.00 -3.79 -19.89
CA THR A 424 -6.90 -2.66 -19.71
C THR A 424 -8.06 -3.03 -18.79
N LEU A 425 -8.67 -4.20 -19.04
CA LEU A 425 -9.75 -4.66 -18.17
C LEU A 425 -9.27 -4.76 -16.72
N LEU A 426 -8.09 -5.34 -16.51
CA LEU A 426 -7.58 -5.49 -15.15
C LEU A 426 -7.28 -4.15 -14.52
N ASP A 427 -6.54 -3.28 -15.20
CA ASP A 427 -6.22 -1.97 -14.67
C ASP A 427 -7.47 -1.12 -14.43
N THR A 428 -8.59 -1.45 -15.06
CA THR A 428 -9.84 -0.75 -14.80
C THR A 428 -10.61 -1.32 -13.62
N PHE A 429 -10.64 -2.64 -13.45
CA PHE A 429 -11.58 -3.27 -12.53
C PHE A 429 -10.96 -3.95 -11.33
N ALA A 430 -9.66 -4.28 -11.36
CA ALA A 430 -9.06 -4.98 -10.24
C ALA A 430 -8.96 -4.10 -9.00
N ALA A 431 -8.52 -2.87 -9.17
CA ALA A 431 -8.30 -1.95 -8.06
C ALA A 431 -8.91 -0.59 -8.41
N GLY A 432 -10.14 -0.61 -8.90
CA GLY A 432 -10.87 0.61 -9.18
C GLY A 432 -11.91 0.90 -8.13
N THR A 433 -13.17 0.62 -8.43
CA THR A 433 -14.21 0.70 -7.41
C THR A 433 -13.94 -0.29 -6.28
N SER A 434 -13.31 -1.42 -6.59
CA SER A 434 -13.06 -2.45 -5.59
C SER A 434 -12.09 -1.95 -4.53
N ILE A 435 -11.00 -1.28 -4.92
CA ILE A 435 -10.04 -0.82 -3.93
C ILE A 435 -10.62 0.31 -3.09
N LEU A 436 -11.42 1.19 -3.69
CA LEU A 436 -12.08 2.23 -2.93
C LEU A 436 -13.06 1.64 -1.92
N PHE A 437 -13.82 0.61 -2.33
CA PHE A 437 -14.70 -0.09 -1.40
C PHE A 437 -13.90 -0.74 -0.28
N ALA A 438 -12.76 -1.34 -0.61
CA ALA A 438 -11.94 -2.01 0.40
C ALA A 438 -11.40 -1.01 1.42
N VAL A 439 -10.88 0.13 0.97
CA VAL A 439 -10.38 1.12 1.92
C VAL A 439 -11.53 1.73 2.72
N LEU A 440 -12.69 1.92 2.09
CA LEU A 440 -13.87 2.39 2.83
C LEU A 440 -14.24 1.42 3.93
N MET A 441 -14.22 0.12 3.64
CA MET A 441 -14.56 -0.88 4.63
C MET A 441 -13.51 -0.95 5.73
N GLU A 442 -12.23 -0.81 5.37
CA GLU A 442 -11.18 -0.69 6.38
C GLU A 442 -11.48 0.46 7.33
N ALA A 443 -11.72 1.64 6.77
CA ALA A 443 -11.95 2.82 7.60
C ALA A 443 -13.16 2.64 8.49
N ILE A 444 -14.25 2.12 7.94
CA ILE A 444 -15.46 1.92 8.73
C ILE A 444 -15.20 0.92 9.85
N GLY A 445 -14.62 -0.24 9.52
CA GLY A 445 -14.41 -1.26 10.52
C GLY A 445 -13.47 -0.80 11.63
N VAL A 446 -12.51 0.05 11.30
CA VAL A 446 -11.56 0.51 12.31
C VAL A 446 -12.12 1.67 13.13
N SER A 447 -12.88 2.57 12.52
CA SER A 447 -13.26 3.82 13.16
C SER A 447 -14.67 3.80 13.73
N TRP A 448 -15.50 2.82 13.40
CA TRP A 448 -16.86 2.79 13.89
C TRP A 448 -17.10 1.56 14.75
N PHE A 449 -16.70 0.40 14.24
CA PHE A 449 -17.00 -0.85 14.93
C PHE A 449 -15.93 -1.18 15.95
N TYR A 450 -14.66 -1.15 15.55
CA TYR A 450 -13.58 -1.29 16.53
C TYR A 450 -13.53 -0.05 17.43
N GLY A 451 -13.57 1.13 16.83
CA GLY A 451 -13.56 2.38 17.60
C GLY A 451 -12.38 3.24 17.24
N VAL A 452 -12.68 4.45 16.77
CA VAL A 452 -11.62 5.41 16.50
C VAL A 452 -10.92 5.81 17.80
N ASP A 453 -11.66 5.86 18.92
CA ASP A 453 -11.03 6.12 20.21
C ASP A 453 -10.10 4.99 20.61
N ARG A 454 -10.50 3.74 20.38
CA ARG A 454 -9.61 2.61 20.65
C ARG A 454 -8.37 2.66 19.77
N PHE A 455 -8.55 3.00 18.49
CA PHE A 455 -7.41 3.11 17.59
C PHE A 455 -6.46 4.21 18.04
N SER A 456 -6.99 5.34 18.49
CA SER A 456 -6.16 6.40 19.05
C SER A 456 -5.44 5.95 20.31
N ASN A 457 -6.11 5.17 21.16
CA ASN A 457 -5.46 4.63 22.34
C ASN A 457 -4.30 3.70 21.96
N ASP A 458 -4.51 2.87 20.94
CA ASP A 458 -3.44 2.01 20.43
C ASP A 458 -2.27 2.83 19.91
N ILE A 459 -2.55 3.87 19.14
CA ILE A 459 -1.50 4.72 18.60
C ILE A 459 -0.79 5.46 19.72
N GLN A 460 -1.49 5.82 20.79
CA GLN A 460 -0.85 6.45 21.94
C GLN A 460 0.06 5.46 22.67
N GLN A 461 -0.39 4.22 22.81
CA GLN A 461 0.43 3.20 23.45
C GLN A 461 1.71 2.97 22.67
N MET A 462 1.63 2.97 21.34
CA MET A 462 2.83 2.84 20.51
C MET A 462 3.69 4.09 20.49
N MET A 463 3.08 5.27 20.38
CA MET A 463 3.77 6.51 20.10
C MET A 463 3.72 7.51 21.25
N GLY A 464 2.90 7.27 22.26
CA GLY A 464 2.83 8.15 23.41
C GLY A 464 1.93 9.35 23.22
N PHE A 465 1.52 9.63 21.98
CA PHE A 465 0.60 10.70 21.68
C PHE A 465 -0.58 10.13 20.91
N ARG A 466 -1.76 10.70 21.15
CA ARG A 466 -2.90 10.25 20.38
C ARG A 466 -3.00 11.04 19.08
N PRO A 467 -3.46 10.42 17.98
CA PRO A 467 -3.57 11.16 16.72
C PRO A 467 -4.50 12.35 16.87
N GLY A 468 -4.14 13.44 16.20
CA GLY A 468 -4.89 14.67 16.32
C GLY A 468 -6.32 14.52 15.82
N LEU A 469 -7.14 15.51 16.18
CA LEU A 469 -8.54 15.46 15.80
C LEU A 469 -8.71 15.43 14.29
N TYR A 470 -7.77 16.00 13.54
CA TYR A 470 -7.84 15.93 12.09
C TYR A 470 -7.83 14.47 11.62
N TRP A 471 -6.90 13.67 12.15
CA TRP A 471 -6.77 12.30 11.70
C TRP A 471 -7.96 11.45 12.13
N ARG A 472 -8.43 11.63 13.37
CA ARG A 472 -9.60 10.90 13.82
C ARG A 472 -10.84 11.26 13.01
N LEU A 473 -11.03 12.55 12.74
CA LEU A 473 -12.15 12.99 11.92
C LEU A 473 -12.07 12.41 10.52
N CYS A 474 -10.88 12.44 9.92
CA CYS A 474 -10.73 11.85 8.60
C CYS A 474 -11.03 10.36 8.62
N TRP A 475 -10.56 9.66 9.66
CA TRP A 475 -10.77 8.23 9.74
C TRP A 475 -12.24 7.88 9.88
N LYS A 476 -12.99 8.65 10.68
CA LYS A 476 -14.35 8.25 11.02
C LYS A 476 -15.42 8.87 10.13
N PHE A 477 -15.27 10.12 9.69
CA PHE A 477 -16.34 10.79 8.96
C PHE A 477 -15.92 11.20 7.55
N VAL A 478 -14.80 11.90 7.41
CA VAL A 478 -14.47 12.52 6.13
C VAL A 478 -14.07 11.46 5.11
N SER A 479 -13.01 10.71 5.40
CA SER A 479 -12.57 9.69 4.44
C SER A 479 -13.66 8.68 4.15
N PRO A 480 -14.38 8.14 5.14
CA PRO A 480 -15.50 7.24 4.80
C PRO A 480 -16.54 7.89 3.90
N ALA A 481 -16.87 9.16 4.12
CA ALA A 481 -17.91 9.81 3.34
C ALA A 481 -17.45 10.02 1.90
N PHE A 482 -16.24 10.55 1.71
CA PHE A 482 -15.72 10.74 0.36
C PHE A 482 -15.55 9.41 -0.36
N LEU A 483 -15.07 8.38 0.34
CA LEU A 483 -14.92 7.07 -0.29
C LEU A 483 -16.28 6.50 -0.70
N LEU A 484 -17.29 6.65 0.14
CA LEU A 484 -18.63 6.17 -0.22
C LEU A 484 -19.16 6.93 -1.44
N PHE A 485 -18.96 8.25 -1.46
CA PHE A 485 -19.42 9.04 -2.59
C PHE A 485 -18.72 8.60 -3.87
N VAL A 486 -17.41 8.39 -3.81
CA VAL A 486 -16.68 8.02 -5.01
C VAL A 486 -17.08 6.62 -5.48
N VAL A 487 -17.29 5.69 -4.54
CA VAL A 487 -17.73 4.35 -4.93
C VAL A 487 -19.09 4.42 -5.61
N VAL A 488 -20.02 5.17 -5.02
CA VAL A 488 -21.37 5.25 -5.58
C VAL A 488 -21.34 5.89 -6.96
N VAL A 489 -20.58 6.96 -7.14
CA VAL A 489 -20.54 7.60 -8.46
C VAL A 489 -19.79 6.74 -9.46
N SER A 490 -18.75 6.03 -9.05
CA SER A 490 -18.03 5.16 -9.96
C SER A 490 -18.93 4.05 -10.47
N ILE A 491 -19.80 3.52 -9.62
CA ILE A 491 -20.81 2.56 -10.08
C ILE A 491 -21.85 3.24 -10.96
N ILE A 492 -22.31 4.43 -10.56
CA ILE A 492 -23.36 5.12 -11.31
C ILE A 492 -22.82 5.66 -12.63
N ASN A 493 -21.58 6.17 -12.62
CA ASN A 493 -21.04 6.87 -13.78
C ASN A 493 -20.00 6.00 -14.48
N PHE A 494 -20.25 4.70 -14.55
CA PHE A 494 -19.39 3.79 -15.28
C PHE A 494 -19.65 3.91 -16.79
N LYS A 495 -18.58 3.97 -17.55
CA LYS A 495 -18.66 4.06 -19.00
C LYS A 495 -18.09 2.79 -19.62
N PRO A 496 -18.72 2.23 -20.66
CA PRO A 496 -18.21 0.96 -21.22
C PRO A 496 -16.73 1.04 -21.55
N LEU A 497 -16.00 -0.03 -21.27
CA LEU A 497 -14.56 -0.01 -21.41
C LEU A 497 -14.15 0.04 -22.88
N THR A 498 -13.06 0.76 -23.14
CA THR A 498 -12.51 0.90 -24.49
C THR A 498 -11.01 1.02 -24.39
N TYR A 499 -10.32 0.67 -25.48
CA TYR A 499 -8.89 0.90 -25.62
C TYR A 499 -8.65 1.52 -26.98
N ASP A 500 -8.37 2.82 -27.01
CA ASP A 500 -8.18 3.57 -28.25
C ASP A 500 -9.49 3.48 -29.03
N ASP A 501 -9.48 3.07 -30.30
CA ASP A 501 -10.70 2.96 -31.09
C ASP A 501 -11.39 1.61 -30.91
N TYR A 502 -10.84 0.73 -30.09
CA TYR A 502 -11.46 -0.56 -29.83
C TYR A 502 -12.47 -0.42 -28.69
N ILE A 503 -13.69 -0.89 -28.94
CA ILE A 503 -14.76 -0.88 -27.94
C ILE A 503 -14.90 -2.30 -27.42
N PHE A 504 -14.67 -2.49 -26.13
CA PHE A 504 -14.80 -3.81 -25.54
C PHE A 504 -16.24 -4.29 -25.69
N PRO A 505 -16.45 -5.58 -25.97
CA PRO A 505 -17.82 -6.08 -26.09
C PRO A 505 -18.58 -5.94 -24.79
N PRO A 506 -19.91 -5.99 -24.82
CA PRO A 506 -20.68 -5.84 -23.58
C PRO A 506 -20.32 -6.87 -22.52
N TRP A 507 -19.95 -8.09 -22.91
CA TRP A 507 -19.60 -9.13 -21.95
C TRP A 507 -18.25 -8.89 -21.29
N ALA A 508 -17.33 -8.18 -21.94
CA ALA A 508 -16.09 -7.80 -21.29
C ALA A 508 -16.35 -6.88 -20.10
N ASN A 509 -17.30 -5.96 -20.24
CA ASN A 509 -17.67 -5.09 -19.13
C ASN A 509 -18.27 -5.90 -17.98
N TRP A 510 -19.10 -6.90 -18.29
CA TRP A 510 -19.64 -7.75 -17.23
C TRP A 510 -18.53 -8.55 -16.56
N VAL A 511 -17.56 -9.03 -17.33
CA VAL A 511 -16.44 -9.76 -16.75
C VAL A 511 -15.64 -8.85 -15.83
N GLY A 512 -15.41 -7.61 -16.24
CA GLY A 512 -14.68 -6.68 -15.40
C GLY A 512 -15.43 -6.33 -14.12
N TRP A 513 -16.74 -6.13 -14.23
CA TRP A 513 -17.53 -5.89 -13.04
C TRP A 513 -17.56 -7.12 -12.13
N GLY A 514 -17.54 -8.32 -12.71
CA GLY A 514 -17.37 -9.51 -11.92
C GLY A 514 -16.04 -9.57 -11.21
N ILE A 515 -14.97 -9.14 -11.88
CA ILE A 515 -13.66 -9.10 -11.24
C ILE A 515 -13.67 -8.15 -10.04
N ALA A 516 -14.29 -6.98 -10.21
CA ALA A 516 -14.38 -6.03 -9.10
C ALA A 516 -15.24 -6.59 -7.97
N LEU A 517 -16.42 -7.12 -8.31
CA LEU A 517 -17.32 -7.67 -7.31
C LEU A 517 -16.72 -8.89 -6.63
N SER A 518 -15.77 -9.57 -7.28
CA SER A 518 -15.16 -10.76 -6.66
C SER A 518 -14.47 -10.38 -5.36
N SER A 519 -13.76 -9.25 -5.36
CA SER A 519 -13.14 -8.79 -4.12
C SER A 519 -14.13 -8.03 -3.25
N MET A 520 -15.07 -7.30 -3.87
CA MET A 520 -16.01 -6.52 -3.06
C MET A 520 -16.91 -7.41 -2.22
N VAL A 521 -17.35 -8.56 -2.76
CA VAL A 521 -18.34 -9.38 -2.08
C VAL A 521 -17.74 -10.24 -0.99
N LEU A 522 -16.41 -10.26 -0.86
CA LEU A 522 -15.79 -11.02 0.22
C LEU A 522 -16.15 -10.45 1.58
N VAL A 523 -16.53 -9.18 1.63
CA VAL A 523 -16.87 -8.52 2.89
C VAL A 523 -18.26 -8.98 3.34
N PRO A 524 -19.32 -8.78 2.54
CA PRO A 524 -20.62 -9.36 2.96
C PRO A 524 -20.57 -10.86 3.15
N ILE A 525 -19.84 -11.56 2.28
CA ILE A 525 -19.78 -13.02 2.36
C ILE A 525 -19.14 -13.44 3.68
N TYR A 526 -18.04 -12.78 4.06
CA TYR A 526 -17.39 -13.14 5.31
C TYR A 526 -18.25 -12.77 6.50
N VAL A 527 -18.96 -11.64 6.43
CA VAL A 527 -19.85 -11.28 7.53
C VAL A 527 -20.92 -12.35 7.71
N ILE A 528 -21.52 -12.80 6.61
CA ILE A 528 -22.54 -13.85 6.68
C ILE A 528 -21.94 -15.13 7.24
N TYR A 529 -20.76 -15.51 6.75
CA TYR A 529 -20.12 -16.74 7.20
C TYR A 529 -19.80 -16.67 8.69
N LYS A 530 -19.27 -15.54 9.15
CA LYS A 530 -18.93 -15.38 10.55
C LYS A 530 -20.17 -15.44 11.43
N PHE A 531 -21.25 -14.80 10.98
CA PHE A 531 -22.49 -14.85 11.75
C PHE A 531 -23.03 -16.27 11.83
N LEU A 532 -22.98 -17.02 10.73
CA LEU A 532 -23.56 -18.35 10.71
C LEU A 532 -22.69 -19.35 11.47
N SER A 533 -21.38 -19.23 11.35
CA SER A 533 -20.48 -20.16 12.04
C SER A 533 -20.52 -19.94 13.55
N THR A 534 -20.63 -18.68 13.98
CA THR A 534 -20.71 -18.39 15.40
C THR A 534 -21.96 -19.04 15.99
N GLN A 535 -21.84 -19.49 17.24
CA GLN A 535 -22.93 -20.14 17.94
C GLN A 535 -23.45 -19.24 19.06
N GLY A 536 -24.76 -19.20 19.20
CA GLY A 536 -25.40 -18.37 20.20
C GLY A 536 -26.63 -17.70 19.62
N SER A 537 -27.21 -16.81 20.41
CA SER A 537 -28.34 -16.03 19.94
C SER A 537 -27.85 -14.93 19.01
N LEU A 538 -28.80 -14.28 18.34
CA LEU A 538 -28.46 -13.24 17.37
C LEU A 538 -27.52 -12.21 18.00
N TRP A 539 -27.86 -11.74 19.20
CA TRP A 539 -27.05 -10.71 19.84
C TRP A 539 -25.68 -11.25 20.22
N GLU A 540 -25.61 -12.51 20.67
CA GLU A 540 -24.33 -13.11 20.97
C GLU A 540 -23.45 -13.20 19.72
N ARG A 541 -24.05 -13.60 18.59
CA ARG A 541 -23.30 -13.67 17.34
C ARG A 541 -22.79 -12.30 16.93
N LEU A 542 -23.64 -11.27 17.05
CA LEU A 542 -23.22 -9.93 16.71
C LEU A 542 -22.08 -9.46 17.60
N ALA A 543 -22.21 -9.70 18.91
CA ALA A 543 -21.18 -9.27 19.86
C ALA A 543 -19.86 -9.96 19.58
N TYR A 544 -19.90 -11.27 19.29
CA TYR A 544 -18.68 -11.98 18.94
C TYR A 544 -18.07 -11.43 17.65
N GLY A 545 -18.92 -11.11 16.67
CA GLY A 545 -18.41 -10.60 15.40
C GLY A 545 -17.76 -9.24 15.51
N ILE A 546 -18.30 -8.36 16.36
CA ILE A 546 -17.75 -7.01 16.49
C ILE A 546 -16.77 -6.89 17.66
N THR A 547 -16.66 -7.89 18.51
CA THR A 547 -15.76 -7.83 19.66
C THR A 547 -14.38 -8.34 19.25
N PRO A 548 -13.29 -7.73 19.71
CA PRO A 548 -11.97 -8.29 19.43
C PRO A 548 -11.85 -9.70 19.97
N GLU A 549 -11.14 -10.56 19.23
CA GLU A 549 -11.06 -11.97 19.58
C GLU A 549 -10.45 -12.19 20.95
N ASN A 550 -9.51 -11.35 21.36
CA ASN A 550 -8.93 -11.47 22.69
C ASN A 550 -9.87 -11.02 23.80
N GLU A 551 -10.98 -10.36 23.45
CA GLU A 551 -11.94 -9.87 24.43
C GLU A 551 -13.25 -10.64 24.38
N HIS A 552 -13.28 -11.79 23.70
CA HIS A 552 -14.52 -12.53 23.53
C HIS A 552 -15.05 -13.08 24.85
N HIS A 553 -14.24 -13.08 25.91
CA HIS A 553 -14.71 -13.46 27.22
C HIS A 553 -15.69 -12.44 27.82
N LEU A 554 -15.79 -11.24 27.25
CA LEU A 554 -16.76 -10.26 27.72
C LEU A 554 -18.14 -10.41 27.09
N VAL A 555 -18.28 -11.16 26.00
CA VAL A 555 -19.60 -11.36 25.42
C VAL A 555 -20.50 -12.08 26.40
N ALA A 556 -19.95 -13.04 27.15
CA ALA A 556 -20.71 -13.68 28.21
C ALA A 556 -21.06 -12.70 29.33
N GLN A 557 -20.11 -11.83 29.69
CA GLN A 557 -20.34 -10.86 30.75
C GLN A 557 -21.21 -9.69 30.30
N ARG A 558 -21.51 -9.58 29.01
CA ARG A 558 -22.41 -8.56 28.49
C ARG A 558 -21.88 -7.15 28.80
N ASP A 559 -20.70 -6.87 28.26
CA ASP A 559 -20.03 -5.59 28.40
C ASP A 559 -19.51 -5.11 27.05
N ILE A 560 -20.36 -5.18 26.02
CA ILE A 560 -19.97 -4.81 24.67
C ILE A 560 -20.13 -3.30 24.52
N ARG A 561 -19.03 -2.62 24.19
CA ARG A 561 -19.08 -1.18 23.98
C ARG A 561 -19.94 -0.83 22.76
N GLN A 562 -19.86 -1.65 21.70
CA GLN A 562 -20.60 -1.36 20.49
C GLN A 562 -22.12 -1.38 20.71
N PHE A 563 -22.58 -2.01 21.78
CA PHE A 563 -24.00 -2.01 22.13
C PHE A 563 -24.40 -0.80 22.95
N GLN A 564 -23.52 0.18 23.10
CA GLN A 564 -23.82 1.43 23.78
C GLN A 564 -23.54 2.60 22.84
N LEU A 565 -24.21 3.72 23.09
CA LEU A 565 -24.12 4.88 22.22
C LEU A 565 -22.80 5.63 22.35
N GLN A 566 -22.15 5.57 23.51
CA GLN A 566 -20.90 6.30 23.68
C GLN A 566 -19.80 5.79 22.76
N HIS A 567 -19.82 4.50 22.42
CA HIS A 567 -18.88 3.98 21.45
C HIS A 567 -19.06 4.62 20.09
N TRP A 568 -20.31 4.81 19.65
CA TRP A 568 -20.61 5.35 18.34
C TRP A 568 -20.53 6.86 18.29
N LEU A 569 -20.56 7.54 19.44
CA LEU A 569 -20.45 9.00 19.49
C LEU A 569 -19.03 9.48 19.74
N ALA A 570 -18.04 8.65 19.41
CA ALA A 570 -16.63 9.01 19.61
C ALA A 570 -16.17 9.76 18.37
N ILE A 571 -15.97 11.07 18.51
CA ILE A 571 -15.54 11.91 17.40
C ILE A 571 -14.05 11.74 17.16
N VAL B 2 13.76 -15.74 26.73
CA VAL B 2 13.23 -14.43 27.20
C VAL B 2 12.31 -14.65 28.38
N GLN B 3 12.62 -14.02 29.51
CA GLN B 3 11.84 -14.15 30.72
C GLN B 3 11.72 -12.80 31.41
N LEU B 4 10.55 -12.55 32.00
CA LEU B 4 10.30 -11.35 32.78
C LEU B 4 9.79 -11.77 34.15
N VAL B 5 10.45 -11.34 35.21
CA VAL B 5 10.08 -11.64 36.58
C VAL B 5 9.78 -10.32 37.28
N GLU B 6 8.53 -10.11 37.66
CA GLU B 6 8.12 -8.88 38.30
C GLU B 6 8.11 -9.03 39.82
N SER B 7 8.42 -7.92 40.49
CA SER B 7 8.46 -7.90 41.95
C SER B 7 8.22 -6.48 42.42
N GLY B 8 8.07 -6.33 43.74
CA GLY B 8 7.81 -5.05 44.35
C GLY B 8 6.36 -4.79 44.70
N GLY B 9 5.45 -5.65 44.28
CA GLY B 9 4.05 -5.45 44.59
C GLY B 9 3.76 -5.72 46.06
N GLY B 10 2.70 -5.10 46.55
CA GLY B 10 2.30 -5.28 47.93
C GLY B 10 1.19 -4.31 48.27
N LEU B 11 0.66 -4.49 49.49
CA LEU B 11 -0.40 -3.61 49.97
C LEU B 11 0.19 -2.29 50.42
N VAL B 12 -0.38 -1.18 49.93
CA VAL B 12 0.08 0.15 50.23
C VAL B 12 -1.14 1.01 50.54
N GLN B 13 -0.90 2.11 51.26
CA GLN B 13 -1.95 3.06 51.60
C GLN B 13 -2.16 4.06 50.46
N ALA B 14 -3.38 4.58 50.38
CA ALA B 14 -3.68 5.60 49.38
C ALA B 14 -2.74 6.79 49.54
N GLY B 15 -2.22 7.27 48.42
CA GLY B 15 -1.25 8.33 48.43
C GLY B 15 0.18 7.86 48.67
N GLY B 16 0.40 6.56 48.81
CA GLY B 16 1.73 6.02 49.04
C GLY B 16 2.49 5.83 47.74
N SER B 17 3.61 5.12 47.86
CA SER B 17 4.49 4.87 46.73
C SER B 17 4.86 3.40 46.69
N LEU B 18 5.11 2.91 45.48
CA LEU B 18 5.53 1.53 45.26
C LEU B 18 6.44 1.49 44.04
N ARG B 19 7.54 0.77 44.15
CA ARG B 19 8.51 0.63 43.07
C ARG B 19 8.50 -0.83 42.62
N LEU B 20 7.90 -1.09 41.47
CA LEU B 20 7.90 -2.41 40.88
C LEU B 20 9.16 -2.61 40.06
N SER B 21 9.70 -3.82 40.09
CA SER B 21 10.87 -4.20 39.30
C SER B 21 10.47 -5.29 38.33
N CYS B 22 11.19 -5.33 37.19
CA CYS B 22 10.97 -6.35 36.16
C CYS B 22 12.34 -6.87 35.74
N ALA B 23 12.82 -7.90 36.44
CA ALA B 23 14.08 -8.52 36.08
C ALA B 23 13.94 -9.28 34.77
N ALA B 24 14.65 -8.81 33.75
CA ALA B 24 14.55 -9.36 32.40
C ALA B 24 15.75 -10.26 32.12
N SER B 25 15.48 -11.33 31.36
CA SER B 25 16.50 -12.27 30.96
C SER B 25 16.28 -12.65 29.51
N GLY B 26 17.37 -13.03 28.84
CA GLY B 26 17.31 -13.49 27.46
C GLY B 26 17.34 -12.38 26.44
N PHE B 27 17.34 -11.12 26.86
CA PHE B 27 17.40 -9.99 25.94
C PHE B 27 17.89 -8.77 26.71
N PRO B 28 18.46 -7.78 26.02
CA PRO B 28 18.84 -6.53 26.72
C PRO B 28 17.68 -5.54 26.78
N VAL B 29 17.33 -5.11 27.99
CA VAL B 29 16.22 -4.16 28.13
C VAL B 29 16.57 -2.79 27.57
N TYR B 30 17.87 -2.47 27.44
CA TYR B 30 18.27 -1.14 27.00
C TYR B 30 18.02 -0.89 25.52
N GLN B 31 17.68 -1.93 24.76
CA GLN B 31 17.21 -1.76 23.39
C GLN B 31 15.74 -2.15 23.22
N ALA B 32 15.07 -2.54 24.29
CA ALA B 32 13.77 -3.20 24.17
C ALA B 32 12.63 -2.24 24.45
N ASN B 33 11.49 -2.53 23.83
CA ASN B 33 10.24 -1.83 24.09
C ASN B 33 9.59 -2.53 25.28
N MET B 34 9.79 -1.97 26.47
CA MET B 34 9.34 -2.58 27.71
C MET B 34 8.10 -1.84 28.18
N TYR B 35 7.01 -2.58 28.34
CA TYR B 35 5.72 -2.01 28.66
C TYR B 35 5.21 -2.56 29.99
N TRP B 36 4.46 -1.72 30.70
CA TRP B 36 3.78 -2.11 31.93
C TRP B 36 2.28 -2.06 31.69
N TYR B 37 1.58 -3.13 32.08
CA TYR B 37 0.13 -3.21 32.01
C TYR B 37 -0.39 -3.53 33.40
N ARG B 38 -1.71 -3.36 33.56
CA ARG B 38 -2.37 -3.72 34.81
C ARG B 38 -3.78 -4.16 34.51
N GLN B 39 -4.24 -5.19 35.23
CA GLN B 39 -5.59 -5.72 35.09
C GLN B 39 -6.26 -5.67 36.45
N ALA B 40 -7.17 -4.73 36.63
CA ALA B 40 -7.86 -4.55 37.90
C ALA B 40 -9.05 -5.49 38.00
N LYS B 43 -11.70 -5.96 35.13
CA LYS B 43 -11.46 -5.13 33.94
C LYS B 43 -10.41 -5.76 33.04
N GLU B 44 -9.97 -5.03 32.03
CA GLU B 44 -9.01 -5.53 31.06
C GLU B 44 -7.61 -4.98 31.34
N ARG B 45 -6.62 -5.69 30.84
CA ARG B 45 -5.25 -5.23 30.94
C ARG B 45 -5.11 -3.89 30.23
N GLU B 46 -4.83 -2.84 31.00
CA GLU B 46 -4.69 -1.49 30.47
C GLU B 46 -3.22 -1.10 30.49
N TRP B 47 -2.74 -0.60 29.36
CA TRP B 47 -1.36 -0.13 29.28
C TRP B 47 -1.12 0.96 30.32
N VAL B 48 -0.01 0.85 31.05
CA VAL B 48 0.34 1.78 32.11
C VAL B 48 1.45 2.72 31.68
N ALA B 49 2.61 2.18 31.31
CA ALA B 49 3.76 2.98 30.95
C ALA B 49 4.66 2.15 30.06
N ALA B 50 5.60 2.82 29.40
CA ALA B 50 6.54 2.13 28.53
C ALA B 50 7.84 2.92 28.49
N ILE B 51 8.95 2.22 28.66
CA ILE B 51 10.28 2.73 28.35
C ILE B 51 10.72 2.05 27.08
N GLN B 52 10.88 2.82 26.01
CA GLN B 52 10.94 2.27 24.67
C GLN B 52 12.37 2.04 24.23
N SER B 53 12.52 1.52 23.01
CA SER B 53 13.82 0.99 22.57
C SER B 53 14.94 2.03 22.69
N GLU B 54 14.61 3.31 22.51
CA GLU B 54 15.62 4.37 22.54
C GLU B 54 15.59 5.19 23.83
N GLY B 55 14.88 4.74 24.86
CA GLY B 55 14.89 5.39 26.16
C GLY B 55 13.75 6.36 26.38
N ARG B 56 12.83 6.47 25.44
CA ARG B 56 11.70 7.39 25.55
C ARG B 56 10.62 6.79 26.45
N THR B 57 10.19 7.56 27.44
CA THR B 57 9.23 7.09 28.44
C THR B 57 7.86 7.69 28.16
N ILE B 58 6.86 6.82 28.00
CA ILE B 58 5.50 7.23 27.74
C ILE B 58 4.58 6.59 28.77
N TYR B 59 3.52 7.29 29.14
CA TYR B 59 2.63 6.87 30.21
C TYR B 59 1.18 6.97 29.75
N ALA B 60 0.35 6.10 30.29
CA ALA B 60 -1.09 6.24 30.10
C ALA B 60 -1.59 7.46 30.87
N ASP B 61 -2.64 8.08 30.35
CA ASP B 61 -3.14 9.31 30.96
C ASP B 61 -3.57 9.11 32.40
N SER B 62 -3.93 7.88 32.76
CA SER B 62 -4.36 7.58 34.12
C SER B 62 -3.21 7.56 35.13
N VAL B 63 -1.96 7.53 34.66
CA VAL B 63 -0.82 7.38 35.54
C VAL B 63 0.22 8.46 35.26
N LYS B 64 0.04 9.20 34.18
CA LYS B 64 1.00 10.24 33.82
C LYS B 64 1.13 11.26 34.94
N GLY B 65 2.37 11.65 35.22
CA GLY B 65 2.66 12.56 36.30
C GLY B 65 2.76 11.92 37.67
N ARG B 66 2.41 10.64 37.79
CA ARG B 66 2.49 9.92 39.05
C ARG B 66 3.48 8.77 38.95
N PHE B 67 3.31 7.92 37.94
CA PHE B 67 4.19 6.79 37.73
C PHE B 67 5.42 7.24 36.94
N THR B 68 6.54 6.55 37.17
CA THR B 68 7.79 6.85 36.47
C THR B 68 8.46 5.53 36.11
N ILE B 69 8.53 5.24 34.82
CA ILE B 69 9.15 4.03 34.33
C ILE B 69 10.62 4.30 34.07
N SER B 70 11.47 3.35 34.44
CA SER B 70 12.90 3.45 34.22
C SER B 70 13.47 2.05 34.07
N ARG B 71 14.68 1.98 33.53
CA ARG B 71 15.36 0.70 33.34
C ARG B 71 16.81 0.84 33.75
N ASP B 72 17.32 -0.17 34.43
CA ASP B 72 18.72 -0.26 34.81
C ASP B 72 19.42 -1.18 33.82
N ASN B 73 20.42 -0.64 33.11
CA ASN B 73 21.08 -1.41 32.09
C ASN B 73 21.98 -2.49 32.68
N SER B 74 22.59 -2.21 33.84
CA SER B 74 23.48 -3.18 34.46
C SER B 74 22.72 -4.41 34.94
N LYS B 75 21.55 -4.22 35.54
CA LYS B 75 20.76 -5.32 36.10
C LYS B 75 19.73 -5.86 35.13
N ASN B 76 19.58 -5.29 33.94
CA ASN B 76 18.56 -5.71 32.99
C ASN B 76 17.18 -5.66 33.63
N THR B 77 16.97 -4.67 34.49
CA THR B 77 15.74 -4.53 35.26
C THR B 77 15.02 -3.26 34.83
N VAL B 78 13.71 -3.38 34.65
CA VAL B 78 12.85 -2.24 34.37
C VAL B 78 12.06 -1.92 35.64
N TYR B 79 12.01 -0.64 35.99
CA TYR B 79 11.36 -0.20 37.21
C TYR B 79 10.15 0.64 36.86
N LEU B 80 9.15 0.60 37.76
CA LEU B 80 7.96 1.45 37.68
C LEU B 80 7.75 2.07 39.05
N GLN B 81 8.20 3.31 39.23
CA GLN B 81 8.02 4.03 40.48
C GLN B 81 6.61 4.62 40.49
N MET B 82 5.68 3.92 41.12
CA MET B 82 4.29 4.35 41.19
C MET B 82 4.10 5.19 42.44
N ASN B 83 3.89 6.50 42.26
CA ASN B 83 3.71 7.44 43.35
C ASN B 83 2.28 7.95 43.38
N SER B 84 1.91 8.55 44.51
CA SER B 84 0.58 9.13 44.69
C SER B 84 -0.50 8.12 44.33
N LEU B 85 -0.33 6.89 44.80
CA LEU B 85 -1.23 5.80 44.43
C LEU B 85 -2.63 6.06 44.95
N LYS B 86 -3.62 5.60 44.19
CA LYS B 86 -5.03 5.69 44.52
C LYS B 86 -5.61 4.29 44.57
N PRO B 87 -6.78 4.14 45.19
CA PRO B 87 -7.44 2.82 45.20
C PRO B 87 -7.73 2.27 43.81
N GLU B 88 -7.85 3.13 42.79
CA GLU B 88 -8.06 2.68 41.43
C GLU B 88 -6.81 2.07 40.81
N ASP B 89 -5.64 2.28 41.42
CA ASP B 89 -4.41 1.66 40.96
C ASP B 89 -4.28 0.21 41.41
N THR B 90 -5.19 -0.26 42.26
CA THR B 90 -5.18 -1.66 42.69
C THR B 90 -5.40 -2.57 41.49
N ALA B 91 -4.42 -3.41 41.19
CA ALA B 91 -4.50 -4.31 40.04
C ALA B 91 -3.26 -5.19 40.04
N VAL B 92 -3.28 -6.19 39.17
CA VAL B 92 -2.10 -7.02 38.91
C VAL B 92 -1.31 -6.36 37.79
N TYR B 93 -0.11 -5.90 38.11
CA TYR B 93 0.72 -5.18 37.15
C TYR B 93 1.60 -6.15 36.39
N TYR B 94 1.50 -6.13 35.08
CA TYR B 94 2.23 -7.03 34.20
C TYR B 94 3.33 -6.27 33.46
N CYS B 95 4.50 -6.86 33.38
CA CYS B 95 5.63 -6.31 32.64
C CYS B 95 5.73 -7.03 31.31
N ASN B 96 5.82 -6.27 30.23
CA ASN B 96 5.75 -6.79 28.87
C ASN B 96 6.93 -6.29 28.08
N VAL B 97 7.51 -7.16 27.26
CA VAL B 97 8.51 -6.78 26.28
C VAL B 97 7.90 -6.97 24.91
N LYS B 98 7.58 -5.86 24.23
CA LYS B 98 7.03 -5.95 22.89
C LYS B 98 8.06 -6.49 21.92
N ASP B 99 9.28 -5.99 21.98
CA ASP B 99 10.38 -6.44 21.17
C ASP B 99 11.66 -5.83 21.72
N ALA B 100 12.80 -6.32 21.22
CA ALA B 100 14.10 -5.78 21.59
C ALA B 100 14.62 -4.79 20.56
N GLY B 101 13.72 -4.06 19.90
CA GLY B 101 14.09 -3.05 18.94
C GLY B 101 14.18 -3.57 17.52
N TRP B 102 14.94 -2.84 16.70
CA TRP B 102 15.20 -3.28 15.34
C TRP B 102 16.13 -4.49 15.33
N ALA B 103 16.04 -5.26 14.24
CA ALA B 103 16.87 -6.46 14.09
C ALA B 103 16.70 -7.40 15.27
N SER B 104 15.44 -7.65 15.62
CA SER B 104 15.11 -8.47 16.78
C SER B 104 13.82 -9.21 16.48
N TYR B 105 13.19 -9.75 17.52
CA TYR B 105 11.96 -10.51 17.39
C TYR B 105 10.87 -9.86 18.22
N GLN B 106 9.63 -9.95 17.75
CA GLN B 106 8.47 -9.42 18.47
C GLN B 106 8.07 -10.45 19.50
N TYR B 107 8.71 -10.37 20.68
CA TYR B 107 8.47 -11.35 21.73
C TYR B 107 7.05 -11.25 22.27
N ASP B 108 6.63 -10.04 22.64
CA ASP B 108 5.36 -9.84 23.34
C ASP B 108 5.26 -10.81 24.52
N TYR B 109 6.37 -10.96 25.23
CA TYR B 109 6.43 -11.84 26.38
C TYR B 109 5.93 -11.11 27.61
N TRP B 110 5.11 -11.79 28.40
CA TRP B 110 4.50 -11.22 29.59
C TRP B 110 5.03 -11.92 30.83
N GLY B 111 5.18 -11.16 31.91
CA GLY B 111 5.47 -11.73 33.20
C GLY B 111 4.21 -12.23 33.89
N GLN B 112 4.41 -12.92 35.01
CA GLN B 112 3.28 -13.52 35.72
C GLN B 112 2.41 -12.48 36.40
N GLY B 113 2.90 -11.28 36.60
CA GLY B 113 2.15 -10.24 37.25
C GLY B 113 2.55 -10.07 38.70
N THR B 114 2.36 -8.86 39.22
CA THR B 114 2.67 -8.53 40.61
C THR B 114 1.50 -7.75 41.19
N GLN B 115 0.84 -8.34 42.19
CA GLN B 115 -0.32 -7.69 42.80
C GLN B 115 0.08 -6.40 43.50
N VAL B 116 -0.71 -5.36 43.28
CA VAL B 116 -0.60 -4.10 44.00
C VAL B 116 -1.97 -3.77 44.55
N THR B 117 -2.06 -3.53 45.86
CA THR B 117 -3.32 -3.23 46.53
C THR B 117 -3.17 -1.89 47.24
N VAL B 118 -3.95 -0.91 46.83
CA VAL B 118 -3.92 0.42 47.42
C VAL B 118 -5.15 0.54 48.31
N SER B 119 -4.94 0.46 49.62
CA SER B 119 -6.05 0.54 50.57
C SER B 119 -6.65 1.93 50.62
#